data_7ZM9
#
_entry.id   7ZM9
#
_cell.length_a   126.780
_cell.length_b   92.690
_cell.length_c   99.270
_cell.angle_alpha   90.000
_cell.angle_beta   92.540
_cell.angle_gamma   90.000
#
_symmetry.space_group_name_H-M   'C 1 2 1'
#
loop_
_entity.id
_entity.type
_entity.pdbx_description
1 polymer 'Putative polyketide synthase'
2 non-polymer DI(HYDROXYETHYL)ETHER
3 non-polymer GLYCEROL
4 water water
#
_entity_poly.entity_id   1
_entity_poly.type   'polypeptide(L)'
_entity_poly.pdbx_seq_one_letter_code
;PSSVVRDVAIIGLSGRYPQAKNVDEFWNRLKEGKNCISEIPKDRWDWQSFFDEEKGKKESMYTKWGGFIDDMDKFDPLFF
QISPKEAEEMDPQERLFLQEAYASIEDAGYTPTTLCESRKVGVFVGVMNGNYPTGATYWSIANRLSYLLNFQGPSVAVDT
A(CSD)SASLTAIHFALESLYSGTSECAIAGGVNLIVDPVHYMKLSALTMLSPSNQCKSFGDQADGFVDGEGVGAIVLKP
LDKAIADGDHIYGVIKGSMMNAGGKTNGYTVPNPQAQAQLVADALQRANVHARTVSYLEAHGTGTELGDPIEVAGLTRAF
EKDTQDKQFCALGSAKSNIGHCESAAGIAGVTKILLQLKHAQLVPSLHSRTLNPNIDFTKTPFVVQQELAEWRRPIVEIN
GTTNEYPRIAGISSFGAGGSNAHVIIEEYIPEEQKQSSLKITPQNPAIFVLSAKNAERLYEIVQQLLAFIQEHSLSDEHL
ADMAYTLQVGRVAMEERIAVIAGTMKELQQKLTAYVKGQEHIADLYRGQVNRNQEMLDILTSDDELEETIARWMERGKYS
KLLDLWVKGLSIDWNKLYQEEQPGRISLPTYPFAKESYWTHARSVSSSTGVGV
;
_entity_poly.pdbx_strand_id   A
#
loop_
_chem_comp.id
_chem_comp.type
_chem_comp.name
_chem_comp.formula
GOL non-polymer GLYCEROL 'C3 H8 O3'
PEG non-polymer DI(HYDROXYETHYL)ETHER 'C4 H10 O3'
#
# COMPACT_ATOMS: atom_id res chain seq x y z
N SER A 3 -9.82 -11.98 20.79
CA SER A 3 -10.55 -13.19 20.42
C SER A 3 -9.69 -14.00 19.40
N VAL A 4 -10.33 -14.88 18.65
CA VAL A 4 -9.61 -15.86 17.84
C VAL A 4 -9.15 -15.25 16.53
N VAL A 5 -8.07 -15.81 15.97
CA VAL A 5 -7.61 -15.45 14.63
C VAL A 5 -8.72 -15.70 13.62
N ARG A 6 -9.01 -14.72 12.79
CA ARG A 6 -9.97 -14.91 11.73
C ARG A 6 -9.48 -14.19 10.49
N ASP A 7 -10.09 -14.50 9.35
CA ASP A 7 -9.56 -13.97 8.10
C ASP A 7 -9.80 -12.46 7.98
N VAL A 8 -8.77 -11.77 7.50
CA VAL A 8 -8.80 -10.30 7.33
C VAL A 8 -8.56 -9.95 5.87
N ALA A 9 -9.46 -9.15 5.30
CA ALA A 9 -9.27 -8.67 3.95
C ALA A 9 -8.38 -7.43 3.89
N ILE A 10 -7.56 -7.36 2.86
CA ILE A 10 -6.86 -6.13 2.48
C ILE A 10 -7.69 -5.46 1.41
N ILE A 11 -8.29 -4.33 1.73
CA ILE A 11 -9.25 -3.69 0.83
C ILE A 11 -8.74 -2.40 0.24
N GLY A 12 -7.57 -1.93 0.65
CA GLY A 12 -7.05 -0.66 0.16
C GLY A 12 -5.55 -0.70 0.24
N LEU A 13 -4.90 0.00 -0.70
CA LEU A 13 -3.46 -0.11 -0.88
C LEU A 13 -2.93 1.17 -1.48
N SER A 14 -1.82 1.69 -0.95
CA SER A 14 -1.10 2.77 -1.60
C SER A 14 0.37 2.71 -1.19
N GLY A 15 1.25 3.16 -2.07
CA GLY A 15 2.65 3.20 -1.68
C GLY A 15 3.48 4.00 -2.65
N ARG A 16 4.61 4.50 -2.16
CA ARG A 16 5.63 5.19 -2.93
C ARG A 16 6.95 4.52 -2.67
N TYR A 17 7.64 4.11 -3.75
CA TYR A 17 8.89 3.36 -3.65
C TYR A 17 9.84 3.91 -4.71
N PRO A 18 11.12 3.53 -4.65
CA PRO A 18 12.08 4.08 -5.61
C PRO A 18 11.62 3.85 -7.05
N GLN A 19 11.62 4.93 -7.83
CA GLN A 19 11.16 4.93 -9.23
C GLN A 19 9.74 4.36 -9.40
N ALA A 20 8.92 4.44 -8.34
CA ALA A 20 7.53 3.99 -8.41
C ALA A 20 6.65 4.89 -7.57
N LYS A 21 6.05 5.91 -8.19
CA LYS A 21 5.29 6.86 -7.38
C LYS A 21 3.93 6.32 -6.93
N ASN A 22 3.51 5.17 -7.47
CA ASN A 22 2.30 4.48 -7.04
C ASN A 22 2.49 2.99 -7.34
N VAL A 23 1.54 2.19 -6.88
CA VAL A 23 1.74 0.75 -6.95
C VAL A 23 1.56 0.22 -8.37
N ASP A 24 0.88 0.97 -9.25
CA ASP A 24 0.87 0.61 -10.68
C ASP A 24 2.28 0.67 -11.25
N GLU A 25 2.99 1.79 -10.96
CA GLU A 25 4.38 1.91 -11.43
C GLU A 25 5.24 0.84 -10.78
N PHE A 26 4.99 0.54 -9.50
CA PHE A 26 5.80 -0.46 -8.81
C PHE A 26 5.69 -1.80 -9.50
N TRP A 27 4.46 -2.17 -9.87
CA TRP A 27 4.28 -3.41 -10.65
C TRP A 27 5.08 -3.39 -11.93
N ASN A 28 5.12 -2.27 -12.65
CA ASN A 28 5.88 -2.21 -13.89
C ASN A 28 7.36 -2.42 -13.63
N ARG A 29 7.90 -1.82 -12.55
CA ARG A 29 9.31 -2.04 -12.23
C ARG A 29 9.59 -3.49 -11.89
N LEU A 30 8.72 -4.08 -11.07
CA LEU A 30 8.85 -5.48 -10.69
C LEU A 30 8.75 -6.40 -11.90
N LYS A 31 7.73 -6.22 -12.75
CA LYS A 31 7.48 -7.11 -13.88
C LYS A 31 8.65 -7.07 -14.85
N GLU A 32 9.24 -5.90 -15.01
CA GLU A 32 10.30 -5.68 -16.00
C GLU A 32 11.69 -5.98 -15.45
N GLY A 33 11.79 -6.34 -14.18
CA GLY A 33 13.06 -6.68 -13.59
C GLY A 33 13.95 -5.48 -13.45
N LYS A 34 13.39 -4.33 -13.07
CA LYS A 34 14.16 -3.09 -13.04
C LYS A 34 14.90 -2.94 -11.70
N ASN A 35 16.19 -2.56 -11.80
CA ASN A 35 16.98 -2.21 -10.61
C ASN A 35 16.83 -0.72 -10.38
N CYS A 36 16.11 -0.35 -9.31
CA CYS A 36 15.59 1.00 -9.10
C CYS A 36 16.52 1.85 -8.23
N ILE A 37 17.78 1.59 -8.28
CA ILE A 37 18.77 2.22 -7.41
C ILE A 37 19.43 3.37 -8.16
N SER A 38 19.73 4.45 -7.46
CA SER A 38 20.24 5.65 -8.10
C SER A 38 21.34 6.27 -7.24
N GLU A 39 21.97 7.29 -7.80
CA GLU A 39 22.97 8.07 -7.10
C GLU A 39 22.30 8.89 -5.99
N ILE A 40 22.98 9.04 -4.88
CA ILE A 40 22.50 9.89 -3.78
C ILE A 40 22.24 11.27 -4.39
N PRO A 41 21.02 11.79 -4.33
CA PRO A 41 20.77 13.10 -4.94
C PRO A 41 21.50 14.23 -4.24
N LYS A 42 22.02 15.17 -5.02
CA LYS A 42 22.76 16.28 -4.43
C LYS A 42 21.89 17.09 -3.48
N ASP A 43 20.58 17.11 -3.70
CA ASP A 43 19.72 17.87 -2.79
C ASP A 43 19.48 17.14 -1.46
N ARG A 44 19.99 15.92 -1.29
CA ARG A 44 20.04 15.30 0.04
C ARG A 44 21.36 15.68 0.72
N TRP A 45 22.48 15.30 0.11
CA TRP A 45 23.81 15.78 0.48
C TRP A 45 24.75 15.45 -0.68
N ASP A 46 25.96 15.98 -0.61
CA ASP A 46 26.99 15.69 -1.61
C ASP A 46 27.80 14.49 -1.13
N TRP A 47 27.62 13.33 -1.78
CA TRP A 47 28.31 12.14 -1.27
C TRP A 47 29.82 12.31 -1.32
N GLN A 48 30.33 13.11 -2.28
CA GLN A 48 31.77 13.24 -2.39
C GLN A 48 32.39 13.83 -1.12
N SER A 49 31.63 14.66 -0.41
CA SER A 49 32.12 15.26 0.82
C SER A 49 32.43 14.24 1.92
N PHE A 50 31.78 13.07 1.87
CA PHE A 50 31.88 12.06 2.91
C PHE A 50 32.49 10.76 2.42
N PHE A 51 32.82 10.67 1.15
CA PHE A 51 33.13 9.38 0.57
C PHE A 51 34.55 8.95 0.88
N ASP A 52 34.69 7.70 1.31
CA ASP A 52 36.00 7.07 1.41
C ASP A 52 35.82 5.57 1.14
N GLU A 53 36.71 5.00 0.33
CA GLU A 53 36.55 3.59 -0.01
C GLU A 53 36.78 2.66 1.18
N GLU A 54 37.42 3.16 2.24
CA GLU A 54 37.65 2.36 3.45
C GLU A 54 36.33 2.08 4.16
N LYS A 55 35.94 0.82 4.19
CA LYS A 55 34.69 0.43 4.82
C LYS A 55 34.85 0.43 6.34
N GLY A 56 33.82 0.90 7.03
CA GLY A 56 33.87 0.96 8.46
C GLY A 56 34.56 2.19 9.01
N LYS A 57 35.12 3.04 8.16
CA LYS A 57 35.67 4.31 8.62
C LYS A 57 34.57 5.15 9.25
N LYS A 58 34.96 5.97 10.22
CA LYS A 58 34.02 6.76 10.99
C LYS A 58 33.74 8.07 10.26
N GLU A 59 32.51 8.56 10.40
CA GLU A 59 32.09 9.81 9.77
C GLU A 59 32.38 9.80 8.26
N SER A 60 32.14 8.67 7.62
CA SER A 60 32.28 8.60 6.17
C SER A 60 31.35 7.52 5.66
N MET A 61 31.31 7.39 4.34
CA MET A 61 30.51 6.36 3.71
C MET A 61 31.28 5.89 2.49
N TYR A 62 31.01 4.65 2.09
CA TYR A 62 31.73 4.05 0.98
C TYR A 62 30.80 3.66 -0.16
N THR A 63 29.61 4.26 -0.21
CA THR A 63 28.71 4.06 -1.33
C THR A 63 28.23 5.39 -1.85
N LYS A 64 27.80 5.39 -3.10
CA LYS A 64 27.19 6.57 -3.68
C LYS A 64 25.74 6.30 -4.07
N TRP A 65 25.16 5.21 -3.57
CA TRP A 65 23.93 4.68 -4.09
C TRP A 65 22.82 4.60 -3.07
N GLY A 66 21.58 4.64 -3.53
CA GLY A 66 20.46 4.27 -2.66
C GLY A 66 19.19 4.12 -3.47
N GLY A 67 18.22 3.48 -2.87
CA GLY A 67 16.89 3.52 -3.41
C GLY A 67 16.12 4.73 -2.93
N PHE A 68 16.07 5.80 -3.72
CA PHE A 68 15.48 7.06 -3.31
C PHE A 68 14.13 7.25 -3.98
N ILE A 69 13.15 7.72 -3.24
CA ILE A 69 11.89 8.11 -3.86
C ILE A 69 11.99 9.55 -4.36
N ASP A 70 11.15 9.86 -5.33
CA ASP A 70 11.02 11.24 -5.80
C ASP A 70 10.14 12.05 -4.85
N ASP A 71 10.40 13.35 -4.82
CA ASP A 71 9.55 14.33 -4.13
C ASP A 71 9.40 14.05 -2.64
N MET A 72 10.50 13.63 -2.00
CA MET A 72 10.49 13.26 -0.59
C MET A 72 10.11 14.45 0.28
N ASP A 73 10.45 15.67 -0.15
CA ASP A 73 10.22 16.87 0.64
C ASP A 73 8.90 17.56 0.33
N LYS A 74 8.05 16.97 -0.52
CA LYS A 74 6.83 17.63 -0.94
C LYS A 74 5.64 17.21 -0.07
N PHE A 75 4.67 18.13 0.03
CA PHE A 75 3.52 17.94 0.89
C PHE A 75 2.46 18.94 0.45
N ASP A 76 1.20 18.63 0.76
CA ASP A 76 0.08 19.52 0.48
C ASP A 76 -0.56 19.91 1.82
N PRO A 77 0.10 20.74 2.60
CA PRO A 77 -0.43 21.00 3.95
C PRO A 77 -1.79 21.69 3.96
N LEU A 78 -2.06 22.54 2.98
CA LEU A 78 -3.34 23.24 2.94
C LEU A 78 -4.50 22.25 2.83
N PHE A 79 -4.30 21.15 2.11
CA PHE A 79 -5.34 20.13 2.03
C PHE A 79 -5.82 19.75 3.42
N PHE A 80 -4.88 19.70 4.36
CA PHE A 80 -5.15 19.23 5.71
C PHE A 80 -5.30 20.38 6.69
N GLN A 81 -5.34 21.61 6.18
CA GLN A 81 -5.44 22.82 7.03
C GLN A 81 -4.22 22.93 7.95
N ILE A 82 -3.09 22.47 7.48
CA ILE A 82 -1.81 22.63 8.16
C ILE A 82 -1.10 23.85 7.59
N SER A 83 -0.51 24.67 8.47
CA SER A 83 0.20 25.87 8.03
C SER A 83 1.55 25.52 7.42
N PRO A 84 2.11 26.44 6.61
CA PRO A 84 3.43 26.18 6.04
C PRO A 84 4.51 25.99 7.09
N LYS A 85 4.46 26.77 8.17
CA LYS A 85 5.46 26.61 9.23
C LYS A 85 5.33 25.25 9.90
N GLU A 86 4.10 24.82 10.21
CA GLU A 86 3.93 23.50 10.80
C GLU A 86 4.41 22.40 9.85
N ALA A 87 4.15 22.55 8.54
CA ALA A 87 4.64 21.55 7.58
C ALA A 87 6.16 21.46 7.60
N GLU A 88 6.86 22.60 7.71
CA GLU A 88 8.31 22.58 7.80
C GLU A 88 8.81 21.81 9.01
N GLU A 89 8.11 21.94 10.13
CA GLU A 89 8.54 21.29 11.35
C GLU A 89 8.20 19.81 11.39
N MET A 90 7.30 19.34 10.52
CA MET A 90 6.93 17.91 10.47
C MET A 90 7.99 17.08 9.75
N ASP A 91 8.43 16.03 10.39
CA ASP A 91 9.22 15.00 9.74
C ASP A 91 8.56 14.64 8.42
N PRO A 92 9.27 14.63 7.31
CA PRO A 92 8.64 14.18 6.07
C PRO A 92 8.09 12.75 6.17
N GLN A 93 8.60 11.93 7.09
CA GLN A 93 7.98 10.62 7.28
C GLN A 93 6.52 10.75 7.69
N GLU A 94 6.22 11.70 8.56
CA GLU A 94 4.85 12.00 8.95
C GLU A 94 4.05 12.56 7.79
N ARG A 95 4.61 13.50 7.02
CA ARG A 95 3.90 14.10 5.91
C ARG A 95 3.53 13.05 4.88
N LEU A 96 4.49 12.21 4.51
CA LEU A 96 4.24 11.28 3.41
C LEU A 96 3.33 10.14 3.84
N PHE A 97 3.47 9.67 5.06
CA PHE A 97 2.57 8.62 5.54
C PHE A 97 1.15 9.13 5.61
N LEU A 98 0.95 10.37 6.04
CA LEU A 98 -0.38 10.94 6.06
C LEU A 98 -1.02 10.91 4.67
N GLN A 99 -0.28 11.35 3.64
CA GLN A 99 -0.85 11.34 2.30
C GLN A 99 -1.07 9.91 1.78
N GLU A 100 -0.13 8.99 2.03
CA GLU A 100 -0.31 7.63 1.51
C GLU A 100 -1.45 6.91 2.22
N ALA A 101 -1.61 7.16 3.52
CA ALA A 101 -2.73 6.55 4.22
C ALA A 101 -4.06 7.10 3.71
N TYR A 102 -4.17 8.41 3.53
CA TYR A 102 -5.35 9.01 2.93
C TYR A 102 -5.63 8.38 1.57
N ALA A 103 -4.58 8.21 0.76
CA ALA A 103 -4.73 7.61 -0.56
C ALA A 103 -5.18 6.16 -0.48
N SER A 104 -4.73 5.42 0.53
CA SER A 104 -5.12 4.01 0.62
C SER A 104 -6.61 3.86 0.91
N ILE A 105 -7.18 4.84 1.60
CA ILE A 105 -8.60 4.81 1.91
C ILE A 105 -9.40 5.15 0.66
N GLU A 106 -8.94 6.14 -0.09
CA GLU A 106 -9.54 6.42 -1.40
C GLU A 106 -9.42 5.21 -2.29
N ASP A 107 -8.27 4.55 -2.27
CA ASP A 107 -8.12 3.35 -3.11
C ASP A 107 -9.18 2.30 -2.76
N ALA A 108 -9.39 2.08 -1.45
CA ALA A 108 -10.42 1.18 -0.97
C ALA A 108 -11.82 1.59 -1.40
N GLY A 109 -12.05 2.85 -1.74
CA GLY A 109 -13.38 3.31 -2.10
C GLY A 109 -14.21 3.83 -0.95
N TYR A 110 -13.58 4.30 0.10
CA TYR A 110 -14.26 4.86 1.26
C TYR A 110 -13.85 6.30 1.44
N THR A 111 -14.67 7.07 2.17
CA THR A 111 -14.25 8.33 2.74
C THR A 111 -13.84 8.11 4.20
N PRO A 112 -13.11 9.04 4.81
CA PRO A 112 -12.80 8.87 6.24
C PRO A 112 -14.05 8.66 7.08
N THR A 113 -15.17 9.27 6.69
CA THR A 113 -16.41 9.09 7.45
C THR A 113 -17.00 7.70 7.27
N THR A 114 -17.06 7.21 6.04
CA THR A 114 -17.78 5.97 5.81
C THR A 114 -16.93 4.73 6.03
N LEU A 115 -15.61 4.90 6.18
CA LEU A 115 -14.74 3.75 6.38
C LEU A 115 -15.21 2.93 7.56
N CYS A 116 -15.69 3.60 8.59
CA CYS A 116 -16.13 2.91 9.80
C CYS A 116 -16.99 3.90 10.59
N GLU A 117 -18.30 3.65 10.63
CA GLU A 117 -19.18 4.64 11.24
C GLU A 117 -18.93 4.84 12.74
N SER A 118 -18.50 3.78 13.45
CA SER A 118 -18.19 3.88 14.88
C SER A 118 -16.91 4.66 15.20
N ARG A 119 -16.11 4.97 14.21
CA ARG A 119 -14.81 5.63 14.33
C ARG A 119 -13.72 4.72 14.90
N LYS A 120 -13.98 3.41 15.10
CA LYS A 120 -12.97 2.51 15.66
C LYS A 120 -12.03 1.99 14.58
N VAL A 121 -11.28 2.93 14.02
CA VAL A 121 -10.26 2.70 13.01
C VAL A 121 -8.91 2.79 13.71
N GLY A 122 -8.19 1.71 13.69
CA GLY A 122 -6.85 1.65 14.23
C GLY A 122 -5.83 2.12 13.21
N VAL A 123 -4.75 2.73 13.73
CA VAL A 123 -3.61 3.18 12.89
C VAL A 123 -2.34 2.61 13.49
N PHE A 124 -1.60 1.87 12.68
CA PHE A 124 -0.41 1.16 13.14
C PHE A 124 0.68 1.41 12.12
N VAL A 125 1.78 2.05 12.53
CA VAL A 125 2.80 2.42 11.56
C VAL A 125 4.18 2.10 12.08
N GLY A 126 4.99 1.49 11.22
CA GLY A 126 6.36 1.13 11.54
C GLY A 126 7.36 2.17 11.08
N VAL A 127 8.30 2.50 11.98
CA VAL A 127 9.31 3.53 11.70
C VAL A 127 10.50 3.25 12.60
N MET A 128 11.71 3.61 12.11
CA MET A 128 12.88 3.32 12.91
C MET A 128 14.02 4.32 12.87
N ASN A 129 13.98 5.28 11.95
CA ASN A 129 15.00 6.33 11.89
C ASN A 129 14.34 7.69 12.03
N GLY A 130 14.94 8.55 12.84
CA GLY A 130 14.37 9.86 13.12
C GLY A 130 15.45 10.91 13.10
N ASN A 131 15.89 11.24 11.91
CA ASN A 131 17.01 12.17 11.72
C ASN A 131 16.61 13.55 11.25
N TYR A 132 15.32 13.82 11.16
CA TYR A 132 14.90 15.16 10.73
C TYR A 132 15.28 16.17 11.81
N PRO A 133 15.59 17.43 11.44
CA PRO A 133 16.16 18.34 12.45
C PRO A 133 15.26 18.62 13.65
N THR A 134 13.95 18.54 13.51
CA THR A 134 13.11 18.76 14.68
C THR A 134 12.94 17.53 15.56
N GLY A 135 13.59 16.43 15.26
CA GLY A 135 13.71 15.33 16.19
C GLY A 135 12.86 14.13 15.79
N ALA A 136 13.16 13.00 16.43
CA ALA A 136 12.33 11.81 16.32
C ALA A 136 11.02 12.06 17.07
N THR A 137 9.91 11.99 16.35
CA THR A 137 8.58 12.25 16.89
C THR A 137 7.63 11.18 16.33
N TYR A 138 7.98 9.92 16.56
CA TYR A 138 7.35 8.83 15.80
C TYR A 138 5.85 8.79 16.05
N TRP A 139 5.43 9.01 17.30
CA TRP A 139 4.02 8.94 17.62
C TRP A 139 3.16 9.77 16.71
N SER A 140 3.68 10.92 16.25
CA SER A 140 2.87 11.83 15.45
C SER A 140 2.61 11.30 14.05
N ILE A 141 3.43 10.37 13.58
CA ILE A 141 3.18 9.77 12.27
C ILE A 141 1.85 9.04 12.28
N ALA A 142 1.55 8.36 13.39
CA ALA A 142 0.25 7.72 13.55
C ALA A 142 -0.83 8.71 13.99
N ASN A 143 -0.51 9.55 14.98
CA ASN A 143 -1.54 10.34 15.61
C ASN A 143 -2.07 11.46 14.72
N ARG A 144 -1.23 11.98 13.81
CA ARG A 144 -1.71 13.03 12.91
C ARG A 144 -2.83 12.50 12.04
N LEU A 145 -2.67 11.27 11.57
CA LEU A 145 -3.69 10.64 10.75
C LEU A 145 -4.97 10.45 11.57
N SER A 146 -4.84 9.90 12.77
CA SER A 146 -6.02 9.65 13.59
C SER A 146 -6.75 10.94 13.92
N TYR A 147 -6.00 12.01 14.21
CA TYR A 147 -6.61 13.30 14.47
C TYR A 147 -7.36 13.83 13.25
N LEU A 148 -6.66 13.91 12.11
CA LEU A 148 -7.26 14.61 10.98
C LEU A 148 -8.48 13.88 10.44
N LEU A 149 -8.46 12.55 10.47
CA LEU A 149 -9.53 11.74 9.89
C LEU A 149 -10.51 11.24 10.93
N ASN A 150 -10.42 11.72 12.16
CA ASN A 150 -11.31 11.36 13.24
C ASN A 150 -11.36 9.86 13.46
N PHE A 151 -10.18 9.25 13.56
CA PHE A 151 -10.07 7.83 13.93
C PHE A 151 -9.84 7.73 15.43
N GLN A 152 -10.58 6.83 16.07
CA GLN A 152 -10.55 6.68 17.53
C GLN A 152 -10.19 5.28 17.98
N GLY A 153 -9.74 4.41 17.05
CA GLY A 153 -9.12 3.18 17.48
C GLY A 153 -7.70 3.41 17.94
N PRO A 154 -7.02 2.32 18.28
CA PRO A 154 -5.61 2.43 18.64
C PRO A 154 -4.82 3.22 17.60
N SER A 155 -3.85 3.99 18.06
CA SER A 155 -3.00 4.79 17.16
C SER A 155 -1.58 4.74 17.68
N VAL A 156 -0.68 4.10 16.93
CA VAL A 156 0.63 3.77 17.48
C VAL A 156 1.68 3.73 16.43
N ALA A 157 2.87 4.23 16.79
CA ALA A 157 4.11 4.00 16.04
C ALA A 157 4.91 2.90 16.72
N VAL A 158 5.33 1.92 15.94
CA VAL A 158 6.06 0.74 16.42
CA VAL A 158 6.10 0.81 16.50
C VAL A 158 7.46 0.74 15.81
N ASP A 159 8.46 0.50 16.66
CA ASP A 159 9.86 0.42 16.23
C ASP A 159 10.40 -0.94 16.64
N THR A 160 10.51 -1.84 15.65
CA THR A 160 11.25 -3.08 15.80
C THR A 160 12.38 -3.11 14.79
N ALA A 161 12.95 -1.93 14.52
CA ALA A 161 13.95 -1.75 13.45
C ALA A 161 13.37 -2.22 12.13
N CSD A 162 14.11 -3.04 11.34
CA CSD A 162 13.76 -3.20 9.97
CB CSD A 162 14.90 -3.91 9.18
SG CSD A 162 16.43 -3.07 9.45
C CSD A 162 12.46 -3.96 9.74
O CSD A 162 11.94 -4.02 8.64
OD1 CSD A 162 17.39 -4.00 8.79
OD2 CSD A 162 16.98 -3.37 11.06
H CSD A 162 14.69 -3.77 11.68
HA CSD A 162 13.61 -2.16 9.53
HB2 CSD A 162 14.65 -3.93 8.09
HB3 CSD A 162 14.97 -4.98 9.51
HD2 CSD A 162 17.07 -2.57 11.57
N SER A 163 11.95 -4.67 10.76
CA SER A 163 10.73 -5.40 10.62
C SER A 163 9.48 -4.56 10.96
N ALA A 164 9.68 -3.26 11.23
CA ALA A 164 8.64 -2.47 11.89
C ALA A 164 7.32 -2.45 11.14
N SER A 165 7.32 -2.32 9.79
CA SER A 165 6.01 -2.25 9.13
C SER A 165 5.31 -3.61 9.15
N LEU A 166 6.04 -4.73 9.19
CA LEU A 166 5.36 -6.01 9.28
C LEU A 166 4.91 -6.26 10.72
N THR A 167 5.66 -5.76 11.70
CA THR A 167 5.16 -5.75 13.08
C THR A 167 3.87 -4.96 13.20
N ALA A 168 3.83 -3.80 12.59
CA ALA A 168 2.64 -2.97 12.58
C ALA A 168 1.44 -3.72 12.06
N ILE A 169 1.62 -4.48 10.96
CA ILE A 169 0.53 -5.29 10.46
C ILE A 169 0.10 -6.33 11.48
N HIS A 170 1.06 -6.98 12.15
CA HIS A 170 0.70 -7.97 13.15
C HIS A 170 -0.14 -7.34 14.27
N PHE A 171 0.27 -6.16 14.74
CA PHE A 171 -0.52 -5.52 15.77
C PHE A 171 -1.90 -5.17 15.26
N ALA A 172 -1.97 -4.68 14.02
CA ALA A 172 -3.28 -4.32 13.49
C ALA A 172 -4.22 -5.53 13.46
N LEU A 173 -3.70 -6.68 13.04
CA LEU A 173 -4.48 -7.91 13.01
C LEU A 173 -4.93 -8.30 14.42
N GLU A 174 -4.01 -8.24 15.40
CA GLU A 174 -4.39 -8.61 16.76
CA GLU A 174 -4.34 -8.56 16.78
C GLU A 174 -5.48 -7.68 17.28
N SER A 175 -5.45 -6.39 16.88
CA SER A 175 -6.48 -5.43 17.27
C SER A 175 -7.82 -5.76 16.59
N LEU A 176 -7.79 -6.18 15.34
CA LEU A 176 -9.03 -6.60 14.71
C LEU A 176 -9.57 -7.87 15.35
N TYR A 177 -8.68 -8.79 15.73
CA TYR A 177 -9.19 -10.03 16.33
C TYR A 177 -9.85 -9.72 17.67
N SER A 178 -9.24 -8.82 18.43
CA SER A 178 -9.81 -8.57 19.76
C SER A 178 -10.94 -7.56 19.74
N GLY A 179 -11.19 -6.94 18.61
CA GLY A 179 -12.26 -6.00 18.42
C GLY A 179 -11.98 -4.59 18.90
N THR A 180 -10.73 -4.26 19.20
CA THR A 180 -10.40 -2.88 19.53
C THR A 180 -10.35 -1.97 18.31
N SER A 181 -10.22 -2.55 17.11
CA SER A 181 -10.37 -1.90 15.83
C SER A 181 -11.47 -2.67 15.08
N GLU A 182 -12.30 -1.95 14.34
CA GLU A 182 -13.21 -2.57 13.36
C GLU A 182 -12.62 -2.59 11.96
N CYS A 183 -11.79 -1.58 11.67
CA CYS A 183 -10.98 -1.45 10.46
CA CYS A 183 -10.89 -1.64 10.53
CA CYS A 183 -10.98 -1.44 10.47
C CYS A 183 -9.61 -0.93 10.92
N ALA A 184 -8.58 -1.13 10.11
CA ALA A 184 -7.28 -0.60 10.49
C ALA A 184 -6.46 -0.16 9.30
N ILE A 185 -5.68 0.88 9.52
CA ILE A 185 -4.64 1.31 8.56
C ILE A 185 -3.33 0.80 9.10
N ALA A 186 -2.58 0.08 8.28
CA ALA A 186 -1.29 -0.42 8.73
C ALA A 186 -0.25 -0.15 7.67
N GLY A 187 0.96 0.14 8.12
CA GLY A 187 1.98 0.41 7.11
C GLY A 187 3.29 0.81 7.73
N GLY A 188 4.09 1.52 6.95
CA GLY A 188 5.39 1.91 7.44
C GLY A 188 6.02 2.94 6.54
N VAL A 189 7.13 3.48 7.03
CA VAL A 189 7.81 4.57 6.33
C VAL A 189 9.27 4.54 6.71
N ASN A 190 10.10 4.90 5.73
CA ASN A 190 11.52 5.14 5.95
C ASN A 190 11.98 6.13 4.91
N LEU A 191 12.52 7.26 5.36
CA LEU A 191 13.17 8.23 4.49
C LEU A 191 14.60 8.47 4.96
N ILE A 192 15.45 8.83 4.02
CA ILE A 192 16.86 9.06 4.24
C ILE A 192 17.09 10.55 4.10
N VAL A 193 17.22 11.25 5.24
CA VAL A 193 17.16 12.71 5.26
C VAL A 193 18.44 13.36 5.72
N ASP A 194 19.49 12.61 6.03
CA ASP A 194 20.70 13.24 6.58
C ASP A 194 21.85 12.28 6.34
N PRO A 195 23.04 12.76 5.95
CA PRO A 195 24.14 11.82 5.65
C PRO A 195 24.50 10.99 6.85
N VAL A 196 24.17 11.42 8.08
CA VAL A 196 24.50 10.57 9.21
C VAL A 196 23.81 9.22 9.11
N HIS A 197 22.65 9.14 8.43
CA HIS A 197 21.98 7.88 8.16
C HIS A 197 22.94 6.89 7.49
N TYR A 198 23.63 7.35 6.44
CA TYR A 198 24.57 6.49 5.75
C TYR A 198 25.84 6.29 6.55
N MET A 199 26.28 7.30 7.31
CA MET A 199 27.52 7.15 8.06
C MET A 199 27.38 6.06 9.12
N LYS A 200 26.24 6.01 9.80
CA LYS A 200 26.03 4.96 10.79
C LYS A 200 26.07 3.58 10.15
N LEU A 201 25.31 3.38 9.06
CA LEU A 201 25.30 2.08 8.38
C LEU A 201 26.66 1.72 7.80
N SER A 202 27.45 2.72 7.37
CA SER A 202 28.77 2.44 6.83
C SER A 202 29.74 2.08 7.95
N ALA A 203 29.63 2.75 9.10
CA ALA A 203 30.50 2.40 10.23
C ALA A 203 30.31 0.95 10.65
N LEU A 204 29.09 0.43 10.52
CA LEU A 204 28.81 -0.96 10.82
C LEU A 204 29.00 -1.88 9.61
N THR A 205 29.48 -1.32 8.50
CA THR A 205 29.75 -2.04 7.26
C THR A 205 28.55 -2.88 6.84
N MET A 206 27.37 -2.30 6.97
CA MET A 206 26.13 -2.99 6.58
C MET A 206 25.75 -2.80 5.12
N LEU A 207 26.30 -1.79 4.46
CA LEU A 207 25.90 -1.44 3.11
C LEU A 207 26.78 -2.13 2.09
N SER A 208 26.20 -2.44 0.94
CA SER A 208 27.00 -2.73 -0.26
C SER A 208 27.66 -1.46 -0.75
N PRO A 209 28.87 -1.58 -1.32
CA PRO A 209 29.45 -0.48 -2.13
C PRO A 209 28.73 -0.26 -3.45
N SER A 210 27.92 -1.22 -3.91
CA SER A 210 27.39 -1.24 -5.26
C SER A 210 25.94 -0.79 -5.29
N ASN A 211 25.36 -0.86 -6.50
CA ASN A 211 23.94 -0.56 -6.68
C ASN A 211 23.07 -1.80 -6.68
N GLN A 212 23.59 -2.94 -6.22
CA GLN A 212 22.85 -4.21 -6.29
C GLN A 212 22.75 -4.81 -4.91
N CYS A 213 21.51 -4.97 -4.46
CA CYS A 213 21.16 -5.81 -3.32
C CYS A 213 21.03 -7.26 -3.80
N LYS A 214 22.04 -8.11 -3.54
CA LYS A 214 22.17 -9.42 -4.20
C LYS A 214 21.47 -10.53 -3.38
N SER A 215 20.15 -10.40 -3.31
CA SER A 215 19.33 -11.33 -2.51
C SER A 215 19.49 -12.78 -2.97
N PHE A 216 20.09 -13.61 -2.11
CA PHE A 216 20.39 -15.02 -2.39
C PHE A 216 21.31 -15.21 -3.55
N GLY A 217 22.02 -14.16 -3.94
CA GLY A 217 22.91 -14.21 -5.07
C GLY A 217 24.37 -14.36 -4.67
N ASP A 218 25.18 -14.74 -5.65
CA ASP A 218 26.62 -14.76 -5.47
C ASP A 218 27.13 -13.34 -5.22
N GLN A 219 28.28 -13.26 -4.55
CA GLN A 219 29.01 -12.01 -4.29
C GLN A 219 28.24 -11.05 -3.36
N ALA A 220 27.35 -11.58 -2.57
CA ALA A 220 26.58 -10.78 -1.62
C ALA A 220 27.51 -9.96 -0.73
N ASP A 221 27.22 -8.66 -0.59
CA ASP A 221 28.14 -7.82 0.16
C ASP A 221 27.43 -6.67 0.87
N GLY A 222 26.19 -6.91 1.26
CA GLY A 222 25.41 -5.99 2.08
C GLY A 222 24.26 -5.45 1.26
N PHE A 223 23.44 -4.65 1.92
CA PHE A 223 22.25 -4.15 1.25
C PHE A 223 22.49 -2.77 0.70
N VAL A 224 21.62 -2.38 -0.23
CA VAL A 224 21.53 -1.01 -0.72
C VAL A 224 20.45 -0.34 0.13
N ASP A 225 20.76 0.80 0.72
CA ASP A 225 19.74 1.43 1.57
C ASP A 225 18.63 2.04 0.70
N GLY A 226 17.42 2.10 1.24
CA GLY A 226 16.26 2.52 0.47
C GLY A 226 15.22 3.26 1.25
N GLU A 227 14.35 3.97 0.53
CA GLU A 227 13.21 4.71 1.08
C GLU A 227 11.91 4.09 0.62
N GLY A 228 10.87 4.27 1.40
CA GLY A 228 9.58 3.71 1.02
C GLY A 228 8.52 4.26 1.95
N VAL A 229 7.28 4.28 1.49
CA VAL A 229 6.15 4.58 2.36
C VAL A 229 4.92 3.89 1.83
N GLY A 230 4.20 3.21 2.71
CA GLY A 230 3.09 2.40 2.23
C GLY A 230 2.06 2.21 3.32
N ALA A 231 0.82 2.02 2.87
CA ALA A 231 -0.27 1.74 3.78
C ALA A 231 -1.26 0.79 3.13
N ILE A 232 -1.83 -0.08 3.94
CA ILE A 232 -2.95 -0.93 3.54
C ILE A 232 -4.11 -0.71 4.52
N VAL A 233 -5.31 -0.91 4.00
CA VAL A 233 -6.54 -0.87 4.76
C VAL A 233 -6.99 -2.30 5.02
N LEU A 234 -7.21 -2.63 6.30
CA LEU A 234 -7.56 -3.95 6.75
C LEU A 234 -8.98 -3.96 7.32
N LYS A 235 -9.72 -5.01 7.02
CA LYS A 235 -11.10 -5.18 7.45
C LYS A 235 -11.41 -6.66 7.55
N PRO A 236 -12.17 -7.10 8.56
CA PRO A 236 -12.56 -8.51 8.60
C PRO A 236 -13.15 -8.94 7.26
N LEU A 237 -12.74 -10.13 6.81
CA LEU A 237 -13.11 -10.61 5.48
C LEU A 237 -14.61 -10.71 5.29
N ASP A 238 -15.34 -11.25 6.28
CA ASP A 238 -16.77 -11.43 6.08
C ASP A 238 -17.45 -10.10 5.79
N LYS A 239 -17.06 -9.06 6.51
CA LYS A 239 -17.71 -7.78 6.26
C LYS A 239 -17.24 -7.13 4.96
N ALA A 240 -15.98 -7.32 4.58
CA ALA A 240 -15.53 -6.79 3.29
C ALA A 240 -16.31 -7.40 2.14
N ILE A 241 -16.54 -8.71 2.20
CA ILE A 241 -17.37 -9.37 1.17
C ILE A 241 -18.78 -8.82 1.20
N ALA A 242 -19.37 -8.72 2.39
CA ALA A 242 -20.74 -8.25 2.48
C ALA A 242 -20.88 -6.83 1.96
N ASP A 243 -19.86 -5.98 2.19
CA ASP A 243 -19.94 -4.59 1.76
C ASP A 243 -19.58 -4.37 0.29
N GLY A 244 -19.20 -5.40 -0.45
CA GLY A 244 -18.85 -5.22 -1.84
C GLY A 244 -17.51 -4.56 -2.05
N ASP A 245 -16.60 -4.70 -1.11
CA ASP A 245 -15.26 -4.13 -1.24
C ASP A 245 -14.46 -4.90 -2.27
N HIS A 246 -13.42 -4.25 -2.80
CA HIS A 246 -12.45 -4.97 -3.64
C HIS A 246 -11.33 -5.46 -2.73
N ILE A 247 -10.96 -6.72 -2.89
CA ILE A 247 -10.13 -7.41 -1.92
C ILE A 247 -8.85 -7.87 -2.61
N TYR A 248 -7.72 -7.32 -2.19
CA TYR A 248 -6.43 -7.65 -2.80
C TYR A 248 -5.97 -9.04 -2.39
N GLY A 249 -6.33 -9.45 -1.19
CA GLY A 249 -5.88 -10.70 -0.64
C GLY A 249 -6.38 -10.82 0.78
N VAL A 250 -6.22 -12.02 1.33
CA VAL A 250 -6.73 -12.40 2.64
C VAL A 250 -5.54 -12.70 3.53
N ILE A 251 -5.39 -11.93 4.59
CA ILE A 251 -4.38 -12.27 5.58
C ILE A 251 -4.93 -13.40 6.43
N LYS A 252 -4.26 -14.54 6.38
CA LYS A 252 -4.65 -15.74 7.08
C LYS A 252 -4.08 -15.81 8.49
N GLY A 253 -2.93 -15.22 8.69
CA GLY A 253 -2.29 -15.28 9.98
C GLY A 253 -0.95 -14.59 9.94
N SER A 254 -0.42 -14.30 11.14
CA SER A 254 0.86 -13.62 11.27
C SER A 254 1.50 -14.06 12.58
N MET A 255 2.79 -13.76 12.72
CA MET A 255 3.48 -13.99 13.99
C MET A 255 4.56 -12.96 14.16
N MET A 256 4.91 -12.69 15.42
CA MET A 256 6.09 -11.89 15.74
C MET A 256 6.84 -12.62 16.84
N ASN A 257 8.18 -12.55 16.79
CA ASN A 257 9.02 -13.17 17.79
C ASN A 257 10.39 -12.48 17.77
N ALA A 258 11.33 -13.02 18.53
CA ALA A 258 12.67 -12.42 18.58
C ALA A 258 13.70 -13.53 18.58
N GLY A 259 14.91 -13.16 18.20
CA GLY A 259 15.95 -14.20 18.06
C GLY A 259 16.59 -14.61 19.34
N GLY A 260 16.41 -13.86 20.41
CA GLY A 260 17.09 -14.27 21.62
C GLY A 260 18.60 -14.15 21.50
N LYS A 261 19.30 -15.01 22.22
CA LYS A 261 20.74 -14.91 22.34
C LYS A 261 21.38 -15.65 21.18
N THR A 262 22.10 -14.91 20.35
CA THR A 262 22.94 -15.42 19.28
C THR A 262 24.40 -15.06 19.60
N ASN A 263 25.29 -15.35 18.64
CA ASN A 263 26.71 -15.24 18.92
C ASN A 263 27.14 -13.79 19.15
N GLY A 264 26.33 -12.83 18.72
CA GLY A 264 26.58 -11.44 19.02
C GLY A 264 25.33 -10.67 18.71
N TYR A 265 25.22 -9.50 19.36
CA TYR A 265 24.01 -8.69 19.20
C TYR A 265 23.83 -8.35 17.73
N THR A 266 22.60 -8.48 17.24
CA THR A 266 22.19 -8.32 15.83
C THR A 266 22.56 -9.48 14.91
N VAL A 267 23.12 -10.57 15.41
CA VAL A 267 23.29 -11.76 14.59
C VAL A 267 21.93 -12.47 14.52
N PRO A 268 21.40 -12.75 13.33
CA PRO A 268 20.09 -13.43 13.24
C PRO A 268 20.15 -14.90 13.65
N ASN A 269 18.99 -15.41 14.10
CA ASN A 269 18.91 -16.76 14.64
C ASN A 269 18.04 -17.65 13.74
N PRO A 270 18.60 -18.63 13.03
CA PRO A 270 17.75 -19.44 12.15
C PRO A 270 16.73 -20.27 12.88
N GLN A 271 17.04 -20.71 14.11
CA GLN A 271 16.07 -21.47 14.90
C GLN A 271 14.85 -20.63 15.25
N ALA A 272 15.07 -19.37 15.64
CA ALA A 272 13.95 -18.49 15.95
C ALA A 272 13.17 -18.10 14.71
N GLN A 273 13.86 -17.90 13.57
CA GLN A 273 13.12 -17.63 12.33
C GLN A 273 12.25 -18.81 11.96
N ALA A 274 12.76 -20.03 12.16
CA ALA A 274 11.99 -21.22 11.84
C ALA A 274 10.76 -21.31 12.72
N GLN A 275 10.92 -21.03 14.01
CA GLN A 275 9.79 -21.05 14.94
C GLN A 275 8.75 -20.02 14.55
N LEU A 276 9.20 -18.82 14.17
CA LEU A 276 8.30 -17.77 13.70
C LEU A 276 7.42 -18.26 12.56
N VAL A 277 8.07 -18.79 11.52
CA VAL A 277 7.32 -19.14 10.32
C VAL A 277 6.38 -20.32 10.62
N ALA A 278 6.87 -21.32 11.36
CA ALA A 278 6.03 -22.44 11.74
C ALA A 278 4.82 -21.98 12.52
N ASP A 279 5.01 -21.00 13.42
CA ASP A 279 3.90 -20.49 14.24
C ASP A 279 2.94 -19.68 13.39
N ALA A 280 3.44 -18.93 12.42
CA ALA A 280 2.55 -18.19 11.53
C ALA A 280 1.70 -19.15 10.69
N LEU A 281 2.31 -20.20 10.16
CA LEU A 281 1.55 -21.18 9.38
C LEU A 281 0.52 -21.90 10.21
N GLN A 282 0.86 -22.25 11.44
CA GLN A 282 -0.10 -22.88 12.33
C GLN A 282 -1.25 -21.94 12.63
N ARG A 283 -0.97 -20.68 12.95
CA ARG A 283 -2.04 -19.73 13.19
C ARG A 283 -2.90 -19.56 11.94
N ALA A 284 -2.28 -19.54 10.75
CA ALA A 284 -3.03 -19.42 9.52
C ALA A 284 -3.76 -20.69 9.09
N ASN A 285 -3.49 -21.82 9.74
CA ASN A 285 -4.00 -23.14 9.32
C ASN A 285 -3.60 -23.43 7.88
N VAL A 286 -2.36 -23.14 7.55
CA VAL A 286 -1.81 -23.36 6.20
C VAL A 286 -0.68 -24.37 6.29
N HIS A 287 -0.79 -25.45 5.52
CA HIS A 287 0.28 -26.43 5.39
C HIS A 287 1.36 -25.87 4.48
N ALA A 288 2.62 -26.02 4.88
CA ALA A 288 3.71 -25.38 4.12
C ALA A 288 3.76 -25.85 2.67
N ARG A 289 3.33 -27.07 2.36
CA ARG A 289 3.39 -27.53 0.97
C ARG A 289 2.46 -26.74 0.06
N THR A 290 1.47 -26.03 0.62
CA THR A 290 0.56 -25.20 -0.16
C THR A 290 1.05 -23.77 -0.33
N VAL A 291 2.18 -23.41 0.28
CA VAL A 291 2.75 -22.11 0.05
C VAL A 291 3.54 -22.15 -1.26
N SER A 292 3.22 -21.23 -2.16
CA SER A 292 3.85 -21.29 -3.49
C SER A 292 4.65 -20.05 -3.86
N TYR A 293 4.66 -19.03 -3.01
CA TYR A 293 5.61 -17.92 -3.15
C TYR A 293 6.03 -17.46 -1.74
N LEU A 294 7.31 -17.14 -1.58
CA LEU A 294 7.85 -16.67 -0.30
C LEU A 294 8.61 -15.38 -0.60
N GLU A 295 8.11 -14.27 -0.05
CA GLU A 295 8.80 -12.97 -0.10
C GLU A 295 9.73 -12.93 1.12
N ALA A 296 11.00 -13.12 0.86
CA ALA A 296 12.01 -13.20 1.87
C ALA A 296 12.40 -11.81 2.32
N HIS A 297 12.95 -11.74 3.52
CA HIS A 297 13.65 -10.54 3.95
C HIS A 297 14.76 -10.22 2.95
N GLY A 298 15.66 -11.17 2.71
CA GLY A 298 16.51 -11.12 1.51
C GLY A 298 17.35 -9.87 1.35
N THR A 299 18.09 -9.50 2.40
CA THR A 299 18.85 -8.25 2.36
C THR A 299 20.19 -8.40 1.61
N GLY A 300 20.59 -9.59 1.23
CA GLY A 300 21.80 -9.74 0.43
C GLY A 300 23.08 -9.64 1.22
N THR A 301 23.06 -10.07 2.48
CA THR A 301 24.27 -10.15 3.28
C THR A 301 24.77 -11.59 3.28
N GLU A 302 26.08 -11.74 3.39
CA GLU A 302 26.63 -13.10 3.36
C GLU A 302 26.23 -13.88 4.60
N LEU A 303 26.07 -13.21 5.74
CA LEU A 303 25.64 -13.88 6.96
C LEU A 303 24.14 -14.19 6.91
N GLY A 304 23.34 -13.23 6.53
CA GLY A 304 21.90 -13.30 6.72
C GLY A 304 21.18 -14.16 5.70
N ASP A 305 21.63 -14.14 4.45
CA ASP A 305 20.84 -14.85 3.46
C ASP A 305 20.84 -16.37 3.71
N PRO A 306 21.97 -16.99 4.03
CA PRO A 306 21.93 -18.44 4.27
C PRO A 306 21.12 -18.79 5.51
N ILE A 307 21.21 -17.95 6.54
CA ILE A 307 20.41 -18.13 7.76
C ILE A 307 18.93 -18.11 7.42
N GLU A 308 18.53 -17.16 6.59
CA GLU A 308 17.11 -17.06 6.27
C GLU A 308 16.63 -18.31 5.56
N VAL A 309 17.41 -18.82 4.59
CA VAL A 309 16.95 -20.02 3.91
C VAL A 309 16.94 -21.21 4.85
N ALA A 310 17.89 -21.28 5.77
CA ALA A 310 17.91 -22.35 6.74
C ALA A 310 16.69 -22.32 7.65
N GLY A 311 16.30 -21.12 8.08
CA GLY A 311 15.13 -20.97 8.93
C GLY A 311 13.86 -21.41 8.22
N LEU A 312 13.70 -20.97 6.97
CA LEU A 312 12.50 -21.32 6.21
C LEU A 312 12.44 -22.82 5.95
N THR A 313 13.60 -23.43 5.63
CA THR A 313 13.63 -24.84 5.30
C THR A 313 13.23 -25.64 6.52
N ARG A 314 13.73 -25.24 7.68
CA ARG A 314 13.40 -25.96 8.89
C ARG A 314 11.93 -25.82 9.22
N ALA A 315 11.37 -24.63 9.03
CA ALA A 315 9.93 -24.45 9.29
C ALA A 315 9.10 -25.28 8.31
N PHE A 316 9.46 -25.24 7.03
CA PHE A 316 8.69 -25.97 6.04
C PHE A 316 8.80 -27.46 6.26
N GLU A 317 9.96 -27.95 6.73
CA GLU A 317 10.17 -29.37 6.87
C GLU A 317 9.36 -29.97 8.00
N LYS A 318 8.74 -29.15 8.85
CA LYS A 318 7.77 -29.67 9.79
C LYS A 318 6.57 -30.26 9.06
N ASP A 319 6.24 -29.73 7.87
CA ASP A 319 5.09 -30.21 7.10
C ASP A 319 5.44 -31.08 5.90
N THR A 320 6.58 -30.84 5.25
CA THR A 320 6.85 -31.53 4.01
C THR A 320 8.33 -31.66 3.76
N GLN A 321 8.72 -32.77 3.13
CA GLN A 321 10.10 -32.93 2.67
C GLN A 321 10.26 -32.63 1.19
N ASP A 322 9.21 -32.15 0.54
CA ASP A 322 9.30 -31.93 -0.90
C ASP A 322 10.24 -30.78 -1.17
N LYS A 323 10.90 -30.84 -2.32
CA LYS A 323 11.97 -29.89 -2.63
C LYS A 323 11.59 -28.99 -3.80
N GLN A 324 11.99 -27.73 -3.70
CA GLN A 324 11.94 -26.75 -4.79
C GLN A 324 10.57 -26.67 -5.46
N PHE A 325 9.53 -26.55 -4.62
CA PHE A 325 8.15 -26.39 -5.06
C PHE A 325 7.65 -24.97 -4.90
N CYS A 326 8.38 -24.13 -4.16
CA CYS A 326 7.94 -22.80 -3.80
C CYS A 326 8.91 -21.76 -4.35
N ALA A 327 8.38 -20.75 -5.02
CA ALA A 327 9.21 -19.67 -5.52
C ALA A 327 9.61 -18.76 -4.38
N LEU A 328 10.81 -18.18 -4.51
CA LEU A 328 11.39 -17.34 -3.46
C LEU A 328 11.97 -16.10 -4.11
N GLY A 329 11.76 -14.93 -3.49
CA GLY A 329 12.29 -13.71 -4.04
C GLY A 329 12.34 -12.61 -3.00
N SER A 330 12.89 -11.46 -3.39
CA SER A 330 12.85 -10.31 -2.48
C SER A 330 12.81 -9.01 -3.28
N ALA A 331 11.80 -8.19 -2.99
CA ALA A 331 11.72 -6.84 -3.55
C ALA A 331 12.98 -6.02 -3.29
N LYS A 332 13.76 -6.35 -2.25
CA LYS A 332 14.99 -5.59 -2.03
C LYS A 332 15.94 -5.67 -3.22
N SER A 333 15.83 -6.73 -4.01
CA SER A 333 16.70 -6.83 -5.17
C SER A 333 16.39 -5.73 -6.17
N ASN A 334 15.16 -5.21 -6.14
CA ASN A 334 14.79 -4.12 -7.02
C ASN A 334 15.01 -2.76 -6.39
N ILE A 335 14.49 -2.53 -5.17
CA ILE A 335 14.40 -1.18 -4.62
C ILE A 335 15.35 -0.93 -3.47
N GLY A 336 16.19 -1.90 -3.13
CA GLY A 336 16.99 -1.82 -1.95
C GLY A 336 16.18 -2.14 -0.72
N HIS A 337 16.85 -1.95 0.40
CA HIS A 337 16.29 -2.26 1.74
C HIS A 337 15.73 -1.00 2.36
N CYS A 338 14.40 -0.86 2.37
CA CYS A 338 13.85 0.37 2.94
CA CYS A 338 13.74 0.32 2.90
C CYS A 338 13.49 0.21 4.40
N GLU A 339 14.21 -0.67 5.11
CA GLU A 339 14.30 -0.63 6.59
C GLU A 339 12.90 -0.76 7.14
N SER A 340 12.41 0.18 7.95
CA SER A 340 11.11 -0.01 8.54
C SER A 340 9.99 -0.14 7.53
N ALA A 341 10.18 0.32 6.28
CA ALA A 341 9.14 0.16 5.27
C ALA A 341 9.33 -1.09 4.42
N ALA A 342 10.32 -1.90 4.74
CA ALA A 342 10.60 -3.08 3.91
C ALA A 342 9.43 -4.06 3.89
N GLY A 343 8.80 -4.28 5.04
CA GLY A 343 7.68 -5.24 5.09
C GLY A 343 6.49 -4.81 4.27
N ILE A 344 6.13 -3.53 4.35
CA ILE A 344 4.97 -3.07 3.58
C ILE A 344 5.32 -3.07 2.07
N ALA A 345 6.57 -2.84 1.70
CA ALA A 345 6.95 -2.95 0.29
C ALA A 345 6.82 -4.39 -0.20
N GLY A 346 7.28 -5.34 0.62
CA GLY A 346 7.13 -6.75 0.28
C GLY A 346 5.69 -7.21 0.21
N VAL A 347 4.86 -6.75 1.15
CA VAL A 347 3.45 -7.07 1.09
C VAL A 347 2.86 -6.55 -0.20
N THR A 348 3.23 -5.33 -0.58
CA THR A 348 2.71 -4.72 -1.80
C THR A 348 3.10 -5.57 -3.01
N LYS A 349 4.34 -6.02 -3.03
CA LYS A 349 4.76 -6.89 -4.15
C LYS A 349 3.90 -8.14 -4.22
N ILE A 350 3.61 -8.77 -3.07
CA ILE A 350 2.76 -9.96 -3.08
C ILE A 350 1.39 -9.64 -3.63
N LEU A 351 0.82 -8.50 -3.24
CA LEU A 351 -0.53 -8.16 -3.66
C LEU A 351 -0.57 -7.90 -5.15
N LEU A 352 0.48 -7.29 -5.70
CA LEU A 352 0.56 -7.07 -7.15
C LEU A 352 0.74 -8.39 -7.87
N GLN A 353 1.59 -9.28 -7.35
CA GLN A 353 1.69 -10.62 -7.97
C GLN A 353 0.36 -11.33 -7.95
N LEU A 354 -0.38 -11.20 -6.84
CA LEU A 354 -1.68 -11.84 -6.78
C LEU A 354 -2.66 -11.26 -7.79
N LYS A 355 -2.65 -9.95 -7.93
CA LYS A 355 -3.56 -9.29 -8.86
C LYS A 355 -3.35 -9.79 -10.28
N HIS A 356 -2.10 -9.96 -10.66
CA HIS A 356 -1.73 -10.36 -12.02
C HIS A 356 -1.50 -11.86 -12.18
N ALA A 357 -1.60 -12.62 -11.11
CA ALA A 357 -1.28 -14.04 -11.06
C ALA A 357 0.05 -14.34 -11.76
N GLN A 358 1.06 -13.58 -11.37
CA GLN A 358 2.39 -13.68 -11.96
C GLN A 358 3.46 -13.58 -10.88
N LEU A 359 4.55 -14.30 -11.12
CA LEU A 359 5.75 -14.22 -10.29
C LEU A 359 6.78 -13.39 -11.04
N VAL A 360 7.42 -12.45 -10.35
CA VAL A 360 8.37 -11.57 -11.00
C VAL A 360 9.80 -11.98 -10.68
N PRO A 361 10.78 -11.52 -11.48
CA PRO A 361 12.17 -11.81 -11.16
C PRO A 361 12.59 -11.29 -9.80
N SER A 362 13.43 -12.05 -9.14
CA SER A 362 14.27 -11.61 -8.04
C SER A 362 15.67 -11.38 -8.62
N LEU A 363 16.13 -10.14 -8.54
CA LEU A 363 17.29 -9.73 -9.31
C LEU A 363 18.63 -10.14 -8.68
N HIS A 364 19.69 -10.15 -9.51
CA HIS A 364 21.06 -10.27 -9.03
C HIS A 364 21.30 -11.62 -8.36
N SER A 365 20.63 -12.68 -8.84
CA SER A 365 20.85 -14.03 -8.34
C SER A 365 20.94 -15.04 -9.49
N ARG A 366 21.33 -14.56 -10.68
CA ARG A 366 21.54 -15.46 -11.84
C ARG A 366 22.56 -16.51 -11.49
N THR A 367 23.58 -16.11 -10.75
CA THR A 367 24.47 -16.99 -10.02
C THR A 367 24.04 -16.96 -8.57
N LEU A 368 23.64 -18.12 -8.04
CA LEU A 368 23.11 -18.17 -6.68
C LEU A 368 24.24 -18.13 -5.67
N ASN A 369 23.91 -17.68 -4.45
CA ASN A 369 24.85 -17.78 -3.34
C ASN A 369 25.42 -19.20 -3.30
N PRO A 370 26.72 -19.36 -3.51
CA PRO A 370 27.30 -20.72 -3.56
C PRO A 370 27.27 -21.44 -2.22
N ASN A 371 26.96 -20.73 -1.14
CA ASN A 371 26.88 -21.31 0.20
C ASN A 371 25.48 -21.81 0.54
N ILE A 372 24.53 -21.62 -0.37
CA ILE A 372 23.16 -22.08 -0.18
C ILE A 372 22.89 -23.13 -1.25
N ASP A 373 22.60 -24.36 -0.83
CA ASP A 373 22.26 -25.44 -1.76
C ASP A 373 20.74 -25.48 -1.82
N PHE A 374 20.16 -24.78 -2.81
CA PHE A 374 18.71 -24.70 -2.85
C PHE A 374 18.06 -26.04 -3.20
N THR A 375 18.81 -26.99 -3.78
CA THR A 375 18.19 -28.28 -4.04
C THR A 375 17.84 -29.04 -2.79
N LYS A 376 18.35 -28.63 -1.62
CA LYS A 376 18.01 -29.24 -0.35
C LYS A 376 16.94 -28.44 0.40
N THR A 377 16.23 -27.58 -0.31
CA THR A 377 15.24 -26.70 0.32
C THR A 377 13.94 -26.75 -0.43
N PRO A 378 12.89 -26.18 0.14
CA PRO A 378 11.62 -26.02 -0.59
C PRO A 378 11.67 -25.05 -1.75
N PHE A 379 12.77 -24.33 -2.00
CA PHE A 379 12.67 -23.09 -2.76
C PHE A 379 13.47 -23.05 -4.03
N VAL A 380 12.95 -22.27 -4.97
CA VAL A 380 13.67 -21.88 -6.20
C VAL A 380 13.61 -20.36 -6.28
N VAL A 381 14.78 -19.71 -6.34
CA VAL A 381 14.78 -18.24 -6.39
C VAL A 381 14.31 -17.83 -7.79
N GLN A 382 13.23 -17.06 -7.83
CA GLN A 382 12.55 -16.76 -9.10
C GLN A 382 13.43 -15.89 -9.99
N GLN A 383 13.68 -16.35 -11.23
CA GLN A 383 14.58 -15.63 -12.12
C GLN A 383 13.86 -14.85 -13.20
N GLU A 384 12.71 -15.30 -13.65
CA GLU A 384 12.07 -14.69 -14.82
C GLU A 384 10.61 -14.46 -14.50
N LEU A 385 9.98 -13.54 -15.24
CA LEU A 385 8.54 -13.36 -15.15
C LEU A 385 7.86 -14.65 -15.55
N ALA A 386 6.87 -15.10 -14.77
CA ALA A 386 6.23 -16.39 -15.01
C ALA A 386 4.80 -16.36 -14.48
N GLU A 387 3.94 -17.23 -15.00
CA GLU A 387 2.62 -17.37 -14.39
C GLU A 387 2.76 -17.93 -12.98
N TRP A 388 1.98 -17.37 -12.03
CA TRP A 388 1.92 -17.93 -10.69
C TRP A 388 0.81 -18.99 -10.69
N ARG A 389 1.21 -20.26 -10.62
CA ARG A 389 0.23 -21.34 -10.71
C ARG A 389 -0.34 -21.70 -9.33
N ARG A 390 -1.63 -21.96 -9.28
CA ARG A 390 -2.23 -22.58 -8.12
C ARG A 390 -1.69 -24.00 -7.99
N PRO A 391 -1.10 -24.37 -6.87
CA PRO A 391 -0.49 -25.70 -6.73
C PRO A 391 -1.48 -26.81 -6.49
N ILE A 392 -1.16 -27.98 -7.03
CA ILE A 392 -1.91 -29.21 -6.76
C ILE A 392 -1.14 -30.00 -5.72
N VAL A 393 -1.80 -30.31 -4.60
CA VAL A 393 -1.11 -30.81 -3.43
C VAL A 393 -1.93 -31.94 -2.80
N GLU A 394 -1.25 -33.03 -2.47
CA GLU A 394 -1.87 -34.18 -1.81
C GLU A 394 -1.58 -33.99 -0.32
N ILE A 395 -2.63 -33.72 0.45
CA ILE A 395 -2.55 -33.70 1.91
C ILE A 395 -3.68 -34.57 2.44
N ASN A 396 -3.39 -35.38 3.47
CA ASN A 396 -4.42 -36.25 4.03
C ASN A 396 -4.84 -37.30 3.00
N GLY A 397 -3.93 -37.65 2.10
CA GLY A 397 -4.30 -38.55 1.02
C GLY A 397 -5.48 -38.04 0.24
N THR A 398 -5.68 -36.73 0.22
CA THR A 398 -6.64 -36.08 -0.67
C THR A 398 -5.83 -35.12 -1.53
N THR A 399 -6.11 -35.12 -2.83
CA THR A 399 -5.39 -34.23 -3.73
C THR A 399 -6.29 -33.11 -4.24
N ASN A 400 -5.83 -31.87 -4.09
CA ASN A 400 -6.60 -30.74 -4.55
C ASN A 400 -5.70 -29.62 -5.03
N GLU A 401 -6.30 -28.72 -5.81
CA GLU A 401 -5.69 -27.47 -6.20
C GLU A 401 -5.95 -26.45 -5.11
N TYR A 402 -4.91 -25.79 -4.66
CA TYR A 402 -5.02 -24.76 -3.64
C TYR A 402 -4.91 -23.35 -4.21
N PRO A 403 -5.46 -22.36 -3.51
CA PRO A 403 -5.23 -20.97 -3.92
C PRO A 403 -3.76 -20.62 -3.90
N ARG A 404 -3.45 -19.53 -4.60
CA ARG A 404 -2.15 -18.89 -4.47
C ARG A 404 -1.98 -18.38 -3.05
N ILE A 405 -0.97 -18.87 -2.37
CA ILE A 405 -0.67 -18.50 -0.99
C ILE A 405 0.80 -18.07 -0.92
N ALA A 406 1.07 -16.92 -0.28
CA ALA A 406 2.42 -16.44 -0.07
C ALA A 406 2.67 -16.18 1.41
N GLY A 407 3.93 -16.38 1.80
CA GLY A 407 4.42 -15.93 3.09
C GLY A 407 5.40 -14.80 2.87
N ILE A 408 5.48 -13.92 3.86
CA ILE A 408 6.48 -12.86 3.82
C ILE A 408 7.13 -12.71 5.20
N SER A 409 8.48 -12.61 5.18
CA SER A 409 9.27 -12.39 6.39
C SER A 409 9.87 -11.00 6.40
N SER A 410 9.99 -10.45 7.59
CA SER A 410 10.74 -9.21 7.77
C SER A 410 11.44 -9.30 9.13
N PHE A 411 12.76 -9.02 9.12
CA PHE A 411 13.61 -9.22 10.27
C PHE A 411 14.28 -7.90 10.62
N GLY A 412 14.26 -7.52 11.90
CA GLY A 412 14.95 -6.34 12.30
C GLY A 412 16.34 -6.64 12.77
N ALA A 413 17.21 -5.64 12.65
CA ALA A 413 18.60 -5.83 13.03
C ALA A 413 18.76 -6.28 14.47
N GLY A 414 17.91 -5.78 15.38
CA GLY A 414 18.04 -6.17 16.77
C GLY A 414 17.45 -7.52 17.12
N GLY A 415 16.87 -8.19 16.12
CA GLY A 415 16.35 -9.53 16.27
C GLY A 415 14.85 -9.66 16.36
N SER A 416 14.10 -8.58 16.16
CA SER A 416 12.63 -8.70 16.17
C SER A 416 12.15 -9.13 14.80
N ASN A 417 11.41 -10.23 14.76
CA ASN A 417 11.02 -10.86 13.52
C ASN A 417 9.52 -10.83 13.37
N ALA A 418 9.05 -10.79 12.12
CA ALA A 418 7.64 -10.98 11.83
C ALA A 418 7.45 -11.78 10.56
N HIS A 419 6.30 -12.44 10.47
CA HIS A 419 5.97 -13.22 9.26
C HIS A 419 4.45 -13.14 9.07
N VAL A 420 4.01 -12.99 7.83
CA VAL A 420 2.60 -12.90 7.50
C VAL A 420 2.27 -13.84 6.33
N ILE A 421 1.11 -14.48 6.40
CA ILE A 421 0.63 -15.41 5.36
C ILE A 421 -0.55 -14.74 4.67
N ILE A 422 -0.48 -14.62 3.34
CA ILE A 422 -1.46 -13.93 2.53
C ILE A 422 -1.96 -14.88 1.45
N GLU A 423 -3.29 -15.02 1.32
CA GLU A 423 -3.90 -15.91 0.32
C GLU A 423 -4.72 -15.12 -0.69
N GLU A 424 -4.75 -15.59 -1.94
CA GLU A 424 -5.57 -14.95 -2.94
C GLU A 424 -7.03 -15.00 -2.48
N TYR A 425 -7.76 -13.93 -2.80
CA TYR A 425 -9.20 -13.89 -2.60
C TYR A 425 -9.88 -14.39 -3.86
N ILE A 426 -10.71 -15.41 -3.71
CA ILE A 426 -11.42 -15.99 -4.85
C ILE A 426 -12.92 -15.73 -4.65
N PRO A 427 -13.52 -14.81 -5.39
CA PRO A 427 -14.91 -14.46 -5.14
C PRO A 427 -15.85 -15.56 -5.59
N GLU A 428 -17.05 -15.56 -5.01
CA GLU A 428 -18.11 -16.41 -5.54
C GLU A 428 -18.68 -15.76 -6.79
N GLU A 429 -18.98 -16.59 -7.80
CA GLU A 429 -19.32 -16.10 -9.14
C GLU A 429 -20.76 -15.62 -9.17
N GLN A 430 -20.94 -14.38 -8.73
CA GLN A 430 -22.24 -13.71 -8.72
C GLN A 430 -22.13 -12.46 -9.58
N LYS A 431 -22.65 -12.52 -10.81
CA LYS A 431 -22.60 -11.39 -11.73
C LYS A 431 -24.00 -11.17 -12.30
N GLN A 432 -24.93 -10.78 -11.42
CA GLN A 432 -26.27 -10.42 -11.87
C GLN A 432 -26.22 -9.27 -12.85
N SER A 433 -25.37 -8.28 -12.57
CA SER A 433 -25.13 -7.18 -13.51
C SER A 433 -26.43 -6.44 -13.81
N SER A 434 -27.25 -6.26 -12.77
CA SER A 434 -28.49 -5.50 -12.88
C SER A 434 -28.26 -4.00 -12.86
N LEU A 435 -27.01 -3.56 -12.72
CA LEU A 435 -26.62 -2.16 -12.80
C LEU A 435 -25.93 -1.84 -14.12
N LYS A 436 -26.22 -2.62 -15.17
CA LYS A 436 -25.63 -2.43 -16.48
C LYS A 436 -25.80 -1.00 -16.94
N ILE A 437 -24.69 -0.35 -17.24
CA ILE A 437 -24.70 1.06 -17.63
C ILE A 437 -24.87 1.14 -19.14
N THR A 438 -25.96 1.73 -19.58
CA THR A 438 -26.25 1.91 -21.00
C THR A 438 -26.64 3.35 -21.24
N PRO A 439 -26.85 3.75 -22.50
CA PRO A 439 -27.42 5.09 -22.75
C PRO A 439 -28.83 5.24 -22.19
N GLN A 440 -29.57 4.15 -22.04
CA GLN A 440 -30.90 4.20 -21.43
C GLN A 440 -30.82 4.24 -19.90
N ASN A 441 -29.79 3.61 -19.33
CA ASN A 441 -29.54 3.63 -17.90
C ASN A 441 -28.14 4.22 -17.71
N PRO A 442 -28.00 5.52 -17.86
CA PRO A 442 -26.66 6.13 -17.79
C PRO A 442 -26.17 6.23 -16.36
N ALA A 443 -24.87 6.46 -16.24
CA ALA A 443 -24.20 6.59 -14.95
C ALA A 443 -23.88 8.04 -14.67
N ILE A 444 -23.79 8.35 -13.37
CA ILE A 444 -23.45 9.68 -12.90
C ILE A 444 -22.02 9.66 -12.41
N PHE A 445 -21.15 10.44 -13.05
CA PHE A 445 -19.76 10.54 -12.67
C PHE A 445 -19.52 11.89 -12.02
N VAL A 446 -19.02 11.86 -10.77
CA VAL A 446 -18.75 13.06 -10.00
C VAL A 446 -17.26 13.10 -9.67
N LEU A 447 -16.69 14.30 -9.73
CA LEU A 447 -15.27 14.54 -9.44
C LEU A 447 -15.17 15.86 -8.70
N SER A 448 -14.26 15.94 -7.73
CA SER A 448 -14.12 17.17 -6.98
C SER A 448 -12.72 17.28 -6.40
N ALA A 449 -12.33 18.51 -6.10
CA ALA A 449 -11.01 18.78 -5.54
C ALA A 449 -11.07 20.09 -4.78
N LYS A 450 -9.99 20.40 -4.07
CA LYS A 450 -9.94 21.63 -3.28
C LYS A 450 -9.94 22.87 -4.16
N ASN A 451 -9.49 22.76 -5.41
CA ASN A 451 -9.41 23.88 -6.33
C ASN A 451 -9.37 23.35 -7.76
N ALA A 452 -9.35 24.28 -8.71
CA ALA A 452 -9.45 23.92 -10.11
C ALA A 452 -8.19 23.25 -10.64
N GLU A 453 -7.02 23.70 -10.19
CA GLU A 453 -5.78 23.09 -10.64
C GLU A 453 -5.75 21.61 -10.26
N ARG A 454 -6.14 21.28 -9.03
CA ARG A 454 -6.17 19.90 -8.60
C ARG A 454 -7.24 19.11 -9.35
N LEU A 455 -8.41 19.70 -9.54
CA LEU A 455 -9.48 19.00 -10.24
C LEU A 455 -9.06 18.68 -11.67
N TYR A 456 -8.40 19.62 -12.33
CA TYR A 456 -7.89 19.37 -13.67
C TYR A 456 -6.98 18.15 -13.69
N GLU A 457 -6.11 18.05 -12.69
CA GLU A 457 -5.20 16.92 -12.59
C GLU A 457 -5.96 15.62 -12.34
N ILE A 458 -7.05 15.69 -11.56
CA ILE A 458 -7.88 14.51 -11.34
C ILE A 458 -8.43 13.98 -12.66
N VAL A 459 -8.93 14.88 -13.50
CA VAL A 459 -9.51 14.44 -14.78
C VAL A 459 -8.43 13.82 -15.66
N GLN A 460 -7.28 14.48 -15.75
CA GLN A 460 -6.20 13.91 -16.54
C GLN A 460 -5.84 12.51 -16.06
N GLN A 461 -5.70 12.34 -14.75
CA GLN A 461 -5.28 11.05 -14.23
C GLN A 461 -6.35 10.00 -14.45
N LEU A 462 -7.62 10.39 -14.42
CA LEU A 462 -8.69 9.42 -14.65
C LEU A 462 -8.69 8.98 -16.11
N LEU A 463 -8.60 9.94 -17.03
CA LEU A 463 -8.50 9.59 -18.45
C LEU A 463 -7.34 8.65 -18.69
N ALA A 464 -6.18 8.96 -18.10
CA ALA A 464 -5.00 8.13 -18.31
C ALA A 464 -5.20 6.74 -17.72
N PHE A 465 -5.86 6.67 -16.56
CA PHE A 465 -6.06 5.38 -15.89
C PHE A 465 -6.98 4.51 -16.72
N ILE A 466 -8.06 5.09 -17.23
CA ILE A 466 -8.99 4.39 -18.12
C ILE A 466 -8.23 3.79 -19.30
N GLN A 467 -7.37 4.60 -19.90
CA GLN A 467 -6.56 4.15 -21.02
C GLN A 467 -5.60 3.05 -20.59
N GLU A 468 -4.89 3.27 -19.49
CA GLU A 468 -3.82 2.37 -19.08
C GLU A 468 -4.36 1.00 -18.74
N HIS A 469 -5.52 0.95 -18.10
CA HIS A 469 -6.09 -0.30 -17.62
C HIS A 469 -7.20 -0.79 -18.54
N SER A 470 -7.37 -0.14 -19.68
CA SER A 470 -8.36 -0.56 -20.67
C SER A 470 -9.75 -0.73 -20.06
N LEU A 471 -10.18 0.27 -19.31
CA LEU A 471 -11.51 0.24 -18.74
C LEU A 471 -12.54 0.55 -19.83
N SER A 472 -13.72 -0.07 -19.72
CA SER A 472 -14.74 0.08 -20.75
C SER A 472 -16.12 0.10 -20.09
N ASP A 473 -17.15 -0.15 -20.90
CA ASP A 473 -18.53 0.02 -20.46
C ASP A 473 -18.84 -0.84 -19.24
N GLU A 474 -18.22 -2.02 -19.12
CA GLU A 474 -18.56 -2.90 -18.02
C GLU A 474 -18.03 -2.38 -16.69
N HIS A 475 -17.17 -1.39 -16.71
CA HIS A 475 -16.63 -0.80 -15.48
C HIS A 475 -17.37 0.44 -15.04
N LEU A 476 -18.30 0.94 -15.85
CA LEU A 476 -18.91 2.23 -15.56
C LEU A 476 -19.65 2.22 -14.23
N ALA A 477 -20.42 1.15 -13.97
CA ALA A 477 -21.21 1.10 -12.74
C ALA A 477 -20.34 1.24 -11.50
N ASP A 478 -19.29 0.42 -11.41
CA ASP A 478 -18.42 0.43 -10.24
C ASP A 478 -17.61 1.72 -10.17
N MET A 479 -17.19 2.25 -11.33
CA MET A 479 -16.43 3.50 -11.34
C MET A 479 -17.28 4.63 -10.79
N ALA A 480 -18.51 4.77 -11.27
CA ALA A 480 -19.38 5.84 -10.80
C ALA A 480 -19.70 5.68 -9.33
N TYR A 481 -19.96 4.46 -8.87
CA TYR A 481 -20.25 4.23 -7.46
C TYR A 481 -19.07 4.63 -6.59
N THR A 482 -17.88 4.22 -6.98
CA THR A 482 -16.68 4.52 -6.20
C THR A 482 -16.44 6.03 -6.11
N LEU A 483 -16.64 6.75 -7.22
CA LEU A 483 -16.46 8.19 -7.20
C LEU A 483 -17.57 8.88 -6.40
N GLN A 484 -18.75 8.27 -6.36
CA GLN A 484 -19.85 8.81 -5.57
C GLN A 484 -19.60 8.67 -4.08
N VAL A 485 -19.31 7.45 -3.61
CA VAL A 485 -19.29 7.16 -2.17
C VAL A 485 -17.88 7.06 -1.60
N GLY A 486 -16.86 7.07 -2.45
CA GLY A 486 -15.50 6.80 -2.01
C GLY A 486 -14.57 7.96 -2.19
N ARG A 487 -15.12 9.14 -2.46
CA ARG A 487 -14.33 10.36 -2.57
C ARG A 487 -15.05 11.44 -1.79
N VAL A 488 -14.30 12.13 -0.94
CA VAL A 488 -14.85 13.31 -0.27
C VAL A 488 -15.24 14.34 -1.32
N ALA A 489 -16.45 14.88 -1.20
CA ALA A 489 -16.93 15.91 -2.10
C ALA A 489 -16.34 17.25 -1.68
N MET A 490 -15.44 17.77 -2.49
CA MET A 490 -14.67 18.96 -2.15
C MET A 490 -15.28 20.20 -2.83
N GLU A 491 -14.54 21.31 -2.79
CA GLU A 491 -15.11 22.63 -3.12
C GLU A 491 -15.32 22.82 -4.61
N GLU A 492 -14.41 22.33 -5.43
CA GLU A 492 -14.47 22.51 -6.88
C GLU A 492 -14.99 21.23 -7.49
N ARG A 493 -16.14 21.29 -8.18
CA ARG A 493 -16.81 20.08 -8.61
C ARG A 493 -17.17 20.10 -10.10
N ILE A 494 -17.11 18.91 -10.70
CA ILE A 494 -17.71 18.67 -12.00
C ILE A 494 -18.49 17.35 -11.89
N ALA A 495 -19.45 17.18 -12.79
CA ALA A 495 -20.29 15.99 -12.82
C ALA A 495 -20.65 15.71 -14.27
N VAL A 496 -20.69 14.44 -14.65
CA VAL A 496 -20.92 14.03 -16.02
C VAL A 496 -21.93 12.89 -16.03
N ILE A 497 -22.86 12.93 -16.96
CA ILE A 497 -23.76 11.81 -17.22
C ILE A 497 -23.28 11.11 -18.47
N ALA A 498 -23.10 9.79 -18.40
CA ALA A 498 -22.59 9.05 -19.54
C ALA A 498 -23.09 7.62 -19.52
N GLY A 499 -23.39 7.09 -20.71
CA GLY A 499 -23.90 5.75 -20.88
C GLY A 499 -22.90 4.79 -21.48
N THR A 500 -21.76 5.33 -21.92
CA THR A 500 -20.66 4.52 -22.42
C THR A 500 -19.35 5.13 -21.97
N MET A 501 -18.30 4.32 -21.96
CA MET A 501 -16.97 4.82 -21.64
C MET A 501 -16.52 5.85 -22.66
N LYS A 502 -16.66 5.53 -23.95
CA LYS A 502 -16.26 6.48 -24.98
C LYS A 502 -16.92 7.83 -24.76
N GLU A 503 -18.20 7.84 -24.39
CA GLU A 503 -18.90 9.08 -24.09
C GLU A 503 -18.24 9.79 -22.91
N LEU A 504 -17.93 9.06 -21.85
CA LEU A 504 -17.24 9.66 -20.70
C LEU A 504 -15.88 10.22 -21.12
N GLN A 505 -15.09 9.42 -21.83
CA GLN A 505 -13.78 9.89 -22.29
C GLN A 505 -13.94 11.13 -23.15
N GLN A 506 -14.93 11.13 -24.04
CA GLN A 506 -15.15 12.28 -24.91
C GLN A 506 -15.39 13.54 -24.09
N LYS A 507 -16.34 13.46 -23.15
CA LYS A 507 -16.73 14.65 -22.41
C LYS A 507 -15.59 15.12 -21.51
N LEU A 508 -14.89 14.18 -20.85
CA LEU A 508 -13.79 14.59 -19.98
C LEU A 508 -12.64 15.15 -20.78
N THR A 509 -12.36 14.58 -21.97
CA THR A 509 -11.30 15.12 -22.80
C THR A 509 -11.66 16.52 -23.27
N ALA A 510 -12.93 16.74 -23.60
CA ALA A 510 -13.39 18.07 -23.95
C ALA A 510 -13.19 19.04 -22.80
N TYR A 511 -13.37 18.58 -21.55
CA TYR A 511 -13.15 19.45 -20.40
C TYR A 511 -11.68 19.83 -20.30
N VAL A 512 -10.80 18.85 -20.46
CA VAL A 512 -9.36 19.08 -20.39
C VAL A 512 -8.91 20.02 -21.50
N LYS A 513 -9.60 19.99 -22.64
CA LYS A 513 -9.19 20.80 -23.79
C LYS A 513 -9.72 22.22 -23.70
N GLY A 514 -10.48 22.57 -22.66
CA GLY A 514 -10.90 23.93 -22.45
C GLY A 514 -12.27 24.31 -22.97
N GLN A 515 -13.05 23.34 -23.43
CA GLN A 515 -14.36 23.62 -24.03
C GLN A 515 -15.33 24.13 -22.97
N GLU A 516 -15.84 25.35 -23.16
CA GLU A 516 -16.61 26.03 -22.12
C GLU A 516 -17.97 25.35 -21.90
N HIS A 517 -18.62 24.91 -22.96
CA HIS A 517 -19.94 24.31 -22.87
C HIS A 517 -19.89 22.87 -23.36
N ILE A 518 -20.21 21.93 -22.47
CA ILE A 518 -20.21 20.50 -22.78
C ILE A 518 -21.53 19.90 -22.30
N ALA A 519 -22.16 19.12 -23.17
CA ALA A 519 -23.47 18.56 -22.88
C ALA A 519 -23.41 17.58 -21.72
N ASP A 520 -24.32 17.75 -20.77
CA ASP A 520 -24.44 16.85 -19.62
C ASP A 520 -23.19 16.85 -18.74
N LEU A 521 -22.43 17.93 -18.78
CA LEU A 521 -21.30 18.13 -17.86
C LEU A 521 -21.53 19.44 -17.11
N TYR A 522 -21.55 19.35 -15.80
CA TYR A 522 -21.86 20.48 -14.92
C TYR A 522 -20.62 20.84 -14.12
N ARG A 523 -20.37 22.15 -14.01
CA ARG A 523 -19.25 22.67 -13.24
C ARG A 523 -19.78 23.67 -12.21
N GLY A 524 -19.07 23.81 -11.10
CA GLY A 524 -19.46 24.76 -10.09
C GLY A 524 -18.58 24.65 -8.87
N GLN A 525 -18.89 25.50 -7.89
CA GLN A 525 -18.15 25.58 -6.63
C GLN A 525 -19.10 25.61 -5.45
N VAL A 526 -18.66 25.02 -4.34
CA VAL A 526 -19.43 25.11 -3.10
C VAL A 526 -19.27 26.48 -2.49
N ASN A 527 -18.06 27.02 -2.57
CA ASN A 527 -17.72 28.26 -1.88
C ASN A 527 -18.77 29.34 -2.08
N ARG A 528 -19.53 29.25 -3.17
CA ARG A 528 -20.40 30.35 -3.56
C ARG A 528 -21.75 30.30 -2.84
N ASN A 529 -22.36 29.12 -2.73
CA ASN A 529 -23.74 29.00 -2.25
C ASN A 529 -23.84 28.49 -0.82
N GLN A 530 -22.86 28.81 0.03
CA GLN A 530 -22.84 28.25 1.38
C GLN A 530 -24.12 28.60 2.13
N GLU A 531 -24.64 29.81 1.93
CA GLU A 531 -25.74 30.33 2.74
C GLU A 531 -27.01 29.50 2.55
N MET A 532 -27.51 29.40 1.31
CA MET A 532 -28.77 28.68 1.08
C MET A 532 -28.63 27.20 1.43
N LEU A 533 -27.42 26.65 1.31
CA LEU A 533 -27.18 25.26 1.69
C LEU A 533 -27.57 25.02 3.14
N ASP A 534 -27.03 25.86 4.04
CA ASP A 534 -27.20 25.65 5.47
C ASP A 534 -28.66 25.39 5.83
N ILE A 535 -29.59 26.11 5.19
CA ILE A 535 -30.93 26.23 5.75
C ILE A 535 -31.92 25.20 5.21
N LEU A 536 -31.59 24.51 4.12
CA LEU A 536 -32.59 23.64 3.51
C LEU A 536 -32.33 22.16 3.72
N THR A 537 -31.06 21.75 3.90
CA THR A 537 -30.73 20.34 3.96
C THR A 537 -31.00 19.74 5.33
N SER A 538 -31.12 20.57 6.36
CA SER A 538 -31.40 20.05 7.70
C SER A 538 -32.56 19.07 7.68
N ASP A 539 -33.65 19.44 7.01
CA ASP A 539 -34.87 18.64 7.02
C ASP A 539 -34.79 17.49 6.04
N ASP A 540 -35.13 16.30 6.51
CA ASP A 540 -35.37 15.18 5.62
C ASP A 540 -36.41 15.51 4.57
N GLU A 541 -37.28 16.48 4.82
CA GLU A 541 -38.28 16.91 3.85
C GLU A 541 -37.64 17.05 2.46
N LEU A 542 -36.43 17.59 2.43
CA LEU A 542 -35.71 17.76 1.18
C LEU A 542 -34.91 16.53 0.80
N GLU A 543 -34.38 15.81 1.79
CA GLU A 543 -33.74 14.53 1.48
C GLU A 543 -34.74 13.58 0.82
N GLU A 544 -36.02 13.66 1.20
CA GLU A 544 -37.04 12.89 0.50
C GLU A 544 -37.24 13.40 -0.92
N THR A 545 -37.20 14.72 -1.11
CA THR A 545 -37.37 15.29 -2.44
C THR A 545 -36.26 14.82 -3.37
N ILE A 546 -35.01 14.77 -2.88
CA ILE A 546 -33.94 14.21 -3.68
C ILE A 546 -34.29 12.79 -4.10
N ALA A 547 -34.74 11.99 -3.13
CA ALA A 547 -35.07 10.61 -3.42
C ALA A 547 -36.01 10.52 -4.61
N ARG A 548 -36.99 11.43 -4.68
CA ARG A 548 -37.94 11.39 -5.79
C ARG A 548 -37.27 11.85 -7.09
N TRP A 549 -36.46 12.91 -7.01
CA TRP A 549 -35.73 13.33 -8.20
C TRP A 549 -34.88 12.20 -8.76
N MET A 550 -34.20 11.47 -7.88
CA MET A 550 -33.40 10.33 -8.34
C MET A 550 -34.29 9.27 -8.96
N GLU A 551 -35.34 8.87 -8.25
CA GLU A 551 -36.28 7.88 -8.78
C GLU A 551 -36.83 8.33 -10.12
N ARG A 552 -37.38 9.55 -10.17
CA ARG A 552 -37.86 10.10 -11.42
C ARG A 552 -36.74 10.27 -12.43
N GLY A 553 -35.48 10.25 -11.98
CA GLY A 553 -34.36 10.34 -12.87
C GLY A 553 -33.99 11.74 -13.31
N LYS A 554 -34.27 12.74 -12.47
CA LYS A 554 -33.96 14.13 -12.79
C LYS A 554 -32.47 14.42 -12.54
N TYR A 555 -31.63 13.69 -13.27
CA TYR A 555 -30.19 13.75 -13.02
C TYR A 555 -29.63 15.14 -13.30
N SER A 556 -30.00 15.74 -14.44
CA SER A 556 -29.55 17.08 -14.75
C SER A 556 -29.83 18.03 -13.59
N LYS A 557 -31.00 17.90 -12.98
CA LYS A 557 -31.35 18.75 -11.85
C LYS A 557 -30.47 18.46 -10.64
N LEU A 558 -30.32 17.17 -10.29
CA LEU A 558 -29.51 16.81 -9.15
C LEU A 558 -28.07 17.24 -9.33
N LEU A 559 -27.53 17.03 -10.53
CA LEU A 559 -26.12 17.37 -10.78
C LEU A 559 -25.92 18.88 -10.82
N ASP A 560 -26.89 19.62 -11.36
CA ASP A 560 -26.78 21.07 -11.35
C ASP A 560 -26.80 21.59 -9.92
N LEU A 561 -27.50 20.89 -9.02
CA LEU A 561 -27.50 21.28 -7.61
C LEU A 561 -26.27 20.72 -6.90
N TRP A 562 -25.88 19.50 -7.22
CA TRP A 562 -24.74 18.89 -6.51
C TRP A 562 -23.49 19.74 -6.66
N VAL A 563 -23.25 20.24 -7.87
CA VAL A 563 -22.00 20.92 -8.15
C VAL A 563 -21.93 22.27 -7.44
N LYS A 564 -23.06 22.78 -6.97
CA LYS A 564 -23.09 24.00 -6.19
C LYS A 564 -23.01 23.75 -4.70
N GLY A 565 -22.98 22.48 -4.29
CA GLY A 565 -22.82 22.12 -2.89
C GLY A 565 -23.93 21.28 -2.31
N LEU A 566 -25.02 21.01 -3.03
CA LEU A 566 -26.09 20.23 -2.45
C LEU A 566 -25.59 18.84 -2.11
N SER A 567 -25.68 18.47 -0.84
CA SER A 567 -25.25 17.14 -0.42
C SER A 567 -26.25 16.10 -0.92
N ILE A 568 -25.73 15.08 -1.58
CA ILE A 568 -26.56 13.99 -2.10
C ILE A 568 -26.03 12.68 -1.56
N ASP A 569 -26.90 11.89 -0.96
CA ASP A 569 -26.57 10.55 -0.50
C ASP A 569 -26.67 9.63 -1.71
N TRP A 570 -25.54 9.43 -2.39
CA TRP A 570 -25.56 8.67 -3.63
C TRP A 570 -25.96 7.21 -3.41
N ASN A 571 -25.93 6.73 -2.17
CA ASN A 571 -26.33 5.34 -1.94
C ASN A 571 -27.80 5.13 -2.28
N LYS A 572 -28.65 6.13 -2.06
CA LYS A 572 -30.06 6.00 -2.37
C LYS A 572 -30.29 5.74 -3.86
N LEU A 573 -29.30 6.03 -4.70
CA LEU A 573 -29.37 5.75 -6.13
C LEU A 573 -29.55 4.26 -6.41
N TYR A 574 -29.19 3.40 -5.46
CA TYR A 574 -29.18 1.95 -5.67
C TYR A 574 -30.18 1.31 -4.70
N GLN A 575 -31.42 1.16 -5.17
CA GLN A 575 -32.46 0.60 -4.31
C GLN A 575 -32.28 -0.91 -4.17
N GLU A 576 -32.02 -1.59 -5.27
CA GLU A 576 -31.80 -3.03 -5.26
C GLU A 576 -30.34 -3.31 -5.54
N GLU A 577 -29.71 -4.06 -4.65
CA GLU A 577 -28.30 -4.42 -4.78
C GLU A 577 -27.40 -3.21 -4.60
N GLN A 578 -26.11 -3.38 -4.90
CA GLN A 578 -25.09 -2.35 -4.69
C GLN A 578 -24.00 -2.68 -5.68
N PRO A 579 -23.41 -1.69 -6.36
CA PRO A 579 -22.21 -1.96 -7.15
C PRO A 579 -21.00 -2.22 -6.25
N GLY A 580 -19.87 -2.52 -6.86
CA GLY A 580 -18.66 -2.81 -6.13
C GLY A 580 -17.68 -1.65 -6.17
N ARG A 581 -16.88 -1.53 -5.12
CA ARG A 581 -15.81 -0.54 -5.08
C ARG A 581 -14.63 -1.05 -5.90
N ILE A 582 -13.96 -0.14 -6.61
CA ILE A 582 -12.78 -0.47 -7.41
C ILE A 582 -11.69 0.58 -7.22
N SER A 583 -10.44 0.17 -7.49
CA SER A 583 -9.33 1.12 -7.47
C SER A 583 -9.45 2.10 -8.64
N LEU A 584 -9.30 3.37 -8.33
CA LEU A 584 -9.20 4.48 -9.27
C LEU A 584 -8.14 5.41 -8.73
N PRO A 585 -7.63 6.33 -9.55
CA PRO A 585 -6.59 7.26 -9.05
C PRO A 585 -7.06 8.02 -7.83
N THR A 586 -6.11 8.37 -6.99
CA THR A 586 -6.35 9.02 -5.70
C THR A 586 -5.95 10.49 -5.78
N TYR A 587 -6.20 11.23 -4.70
CA TYR A 587 -6.11 12.68 -4.79
C TYR A 587 -4.71 13.11 -5.21
N PRO A 588 -4.57 13.98 -6.19
CA PRO A 588 -3.23 14.43 -6.63
C PRO A 588 -2.75 15.61 -5.80
N PHE A 589 -2.24 15.26 -4.62
CA PHE A 589 -1.78 16.26 -3.67
C PHE A 589 -0.82 17.23 -4.31
N ALA A 590 -0.94 18.50 -3.92
CA ALA A 590 0.00 19.51 -4.39
C ALA A 590 1.41 19.10 -4.00
N LYS A 591 2.36 19.33 -4.92
CA LYS A 591 3.76 18.96 -4.67
C LYS A 591 4.55 20.22 -4.31
N GLU A 592 4.39 20.65 -3.09
CA GLU A 592 5.05 21.85 -2.60
C GLU A 592 6.13 21.44 -1.61
N SER A 593 7.28 22.09 -1.69
CA SER A 593 8.41 21.71 -0.83
C SER A 593 8.34 22.39 0.53
N TYR A 594 8.64 21.62 1.57
CA TYR A 594 8.72 22.17 2.92
C TYR A 594 9.92 21.56 3.63
N TRP A 595 10.77 22.41 4.20
CA TRP A 595 11.89 21.92 4.97
C TRP A 595 12.25 22.91 6.07
N THR A 596 12.89 22.39 7.11
CA THR A 596 13.22 23.21 8.27
C THR A 596 14.67 23.66 8.21
N HIS A 597 15.20 24.09 9.36
CA HIS A 597 16.61 24.47 9.51
C HIS A 597 17.15 23.83 10.78
N ALA A 598 18.29 23.15 10.65
CA ALA A 598 18.98 22.57 11.80
C ALA A 598 19.95 23.56 12.46
C1 PEG B . -10.71 9.59 -9.23
O1 PEG B . -9.37 9.60 -9.75
C2 PEG B . -10.99 10.81 -8.32
O2 PEG B . -10.22 10.82 -7.10
C3 PEG B . -9.60 12.09 -6.82
C4 PEG B . -9.36 12.40 -5.33
O4 PEG B . -10.52 12.88 -4.63
H11 PEG B . -10.86 8.67 -8.65
H12 PEG B . -11.41 9.58 -10.05
HO1 PEG B . -8.76 9.96 -9.09
H21 PEG B . -12.05 10.81 -8.06
H22 PEG B . -10.78 11.72 -8.88
H31 PEG B . -10.23 12.88 -7.24
H32 PEG B . -8.64 12.12 -7.34
H41 PEG B . -8.58 13.16 -5.25
H42 PEG B . -9.01 11.49 -4.84
HO4 PEG B . -10.42 12.74 -3.68
C1 PEG C . 14.75 17.16 -1.49
O1 PEG C . 14.07 15.95 -1.82
C2 PEG C . 15.33 17.08 -0.09
O2 PEG C . 15.34 18.39 0.48
C3 PEG C . 16.28 18.53 1.56
C4 PEG C . 16.61 20.01 1.61
O4 PEG C . 15.45 20.72 1.15
H11 PEG C . 14.04 18.00 -1.55
H12 PEG C . 15.54 17.36 -2.22
HO1 PEG C . 13.71 16.00 -2.71
H21 PEG C . 16.35 16.68 -0.14
H22 PEG C . 14.73 16.41 0.53
H31 PEG C . 17.19 17.93 1.36
H32 PEG C . 15.85 18.19 2.49
H41 PEG C . 17.48 20.24 0.98
H42 PEG C . 16.87 20.31 2.64
HO4 PEG C . 15.64 21.66 1.11
C1 PEG D . -12.31 14.50 5.33
O1 PEG D . -13.29 13.73 6.05
C2 PEG D . -10.90 14.33 5.93
O2 PEG D . -10.11 15.49 5.66
C3 PEG D . -8.92 15.48 6.42
C4 PEG D . -8.17 16.79 6.20
O4 PEG D . -9.01 17.88 6.57
H11 PEG D . -12.59 15.56 5.35
H12 PEG D . -12.29 14.18 4.29
HO1 PEG D . -14.17 13.96 5.73
H21 PEG D . -10.43 13.45 5.49
H22 PEG D . -10.98 14.18 7.01
H31 PEG D . -8.28 14.64 6.12
H32 PEG D . -9.14 15.36 7.48
H41 PEG D . -7.88 16.88 5.15
H42 PEG D . -7.26 16.80 6.81
HO4 PEG D . -8.51 18.70 6.51
C1 PEG E . 4.72 17.66 21.29
O1 PEG E . 3.36 17.73 21.74
C2 PEG E . 5.60 17.32 22.50
O2 PEG E . 4.92 16.35 23.31
C3 PEG E . 5.74 16.01 24.44
C4 PEG E . 4.88 15.51 25.61
O4 PEG E . 5.72 15.36 26.77
H11 PEG E . 5.03 18.62 20.87
H12 PEG E . 4.83 16.91 20.52
HO1 PEG E . 2.79 18.00 21.00
H21 PEG E . 5.80 18.22 23.08
H22 PEG E . 6.55 16.91 22.16
H31 PEG E . 6.31 16.89 24.76
H32 PEG E . 6.45 15.23 24.16
H41 PEG E . 4.43 14.56 25.36
H42 PEG E . 4.08 16.23 25.82
HO4 PEG E . 5.17 15.15 27.52
C1 GOL F . 3.30 -34.23 -2.57
O1 GOL F . 3.06 -33.88 -1.22
C2 GOL F . 2.15 -33.65 -3.47
O2 GOL F . 1.40 -32.68 -2.82
C3 GOL F . 2.86 -33.11 -4.73
O3 GOL F . 1.91 -32.39 -5.46
H11 GOL F . 3.34 -35.19 -2.70
H12 GOL F . 4.15 -33.89 -2.90
HO1 GOL F . 2.40 -33.35 -1.23
H2 GOL F . 1.52 -34.36 -3.68
HO2 GOL F . 1.68 -31.93 -3.08
H31 GOL F . 3.25 -33.86 -5.22
H32 GOL F . 3.62 -32.57 -4.46
HO3 GOL F . 1.15 -32.64 -5.18
C1 GOL G . 8.01 -23.24 -8.34
O1 GOL G . 9.32 -22.90 -8.07
C2 GOL G . 7.32 -21.94 -8.30
O2 GOL G . 6.86 -21.48 -9.46
C3 GOL G . 6.11 -22.11 -7.18
O3 GOL G . 5.13 -21.13 -7.43
H11 GOL G . 7.63 -23.85 -7.68
H12 GOL G . 7.87 -23.67 -9.19
HO1 GOL G . 9.77 -23.63 -8.12
H2 GOL G . 7.98 -21.27 -8.03
HO2 GOL G . 6.13 -21.06 -9.32
H31 GOL G . 6.50 -22.04 -6.29
H32 GOL G . 5.77 -23.01 -7.23
HO3 GOL G . 5.10 -20.62 -6.75
C1 GOL H . 6.03 24.78 -5.70
O1 GOL H . 4.70 24.38 -6.00
C2 GOL H . 6.19 24.85 -4.15
O2 GOL H . 5.67 26.04 -3.61
C3 GOL H . 7.72 24.68 -3.83
O3 GOL H . 8.14 23.42 -4.29
H11 GOL H . 6.24 25.66 -6.08
H12 GOL H . 6.69 24.17 -6.07
HO1 GOL H . 4.62 24.41 -6.85
H2 GOL H . 5.68 24.11 -3.76
HO2 GOL H . 5.89 26.07 -2.79
H31 GOL H . 7.84 24.79 -2.87
H32 GOL H . 8.19 25.42 -4.24
HO3 GOL H . 8.96 23.35 -4.10
#